data_1ZG8
#
_entry.id   1ZG8
#
_cell.length_a   67.896
_cell.length_b   99.511
_cell.length_c   136.379
_cell.angle_alpha   90.00
_cell.angle_beta   90.00
_cell.angle_gamma   90.00
#
_symmetry.space_group_name_H-M   'P 21 21 21'
#
loop_
_entity.id
_entity.type
_entity.pdbx_description
1 polymer 'procarboxypeptidase B'
2 non-polymer 'ZINC ION'
3 non-polymer '(2R)-2-(3-{[AMINO(IMINO)METHYL]AMINO}PHENYL)-3-SULFANYLPROPANOIC ACID'
4 water water
#
_entity_poly.entity_id   1
_entity_poly.type   'polypeptide(L)'
_entity_poly.pdbx_seq_one_letter_code
;TTGHSYEKYNNWETIEAWTKQVTSENPDLISRTAIGTTFLGNNIYLLKVGKPGPNKPAIFMDCGFHAREWISHAFCQWFV
REAVLTYGYESHMTEFLNKLDFYVLPVLNIDGYIYTWTKNRMWRKTRSTNAGTTCIGTDPNRNFDAGWCTTGASTDPCDE
TYCGSAAESEKETKALADFIRNNLSSIKAYLTIHSYSQMILYPYSYDYKLPENNAELNNLAKAAVKELATLYGTKYTYGP
GATTIYPAAGGSDDWAYDQGIKYSFTFELRDKGRYGFILPESQIQATCEETMLAIKYVTNYVLGHL
;
_entity_poly.pdbx_strand_id   A,B,C
#
# COMPACT_ATOMS: atom_id res chain seq x y z
N THR A 2 7.52 -9.30 33.24
CA THR A 2 8.61 -8.93 34.15
C THR A 2 9.87 -9.76 33.75
N GLY A 3 10.82 -9.92 34.68
CA GLY A 3 12.07 -10.65 34.44
C GLY A 3 13.24 -9.69 34.43
N HIS A 4 13.63 -9.18 35.59
CA HIS A 4 14.72 -8.21 35.69
C HIS A 4 16.14 -8.72 35.51
N SER A 5 16.97 -7.92 34.83
CA SER A 5 18.37 -8.23 34.62
C SER A 5 19.11 -6.91 34.65
N TYR A 6 20.34 -6.93 35.12
CA TYR A 6 21.12 -5.71 35.16
C TYR A 6 21.92 -5.56 33.86
N GLU A 7 21.96 -6.62 33.07
CA GLU A 7 22.67 -6.59 31.81
C GLU A 7 21.69 -6.64 30.64
N LYS A 8 20.46 -6.18 30.88
CA LYS A 8 19.45 -6.14 29.83
C LYS A 8 18.57 -4.92 30.10
N TYR A 9 17.88 -4.42 29.09
CA TYR A 9 17.03 -3.25 29.29
C TYR A 9 15.70 -3.82 29.69
N ASN A 10 15.16 -3.30 30.79
CA ASN A 10 13.90 -3.77 31.38
C ASN A 10 12.75 -2.79 31.15
N ASN A 11 11.58 -3.31 30.82
CA ASN A 11 10.42 -2.47 30.58
C ASN A 11 9.99 -1.88 31.90
N TRP A 12 9.05 -0.95 31.89
CA TRP A 12 8.63 -0.31 33.10
C TRP A 12 7.99 -1.25 34.13
N GLU A 13 7.22 -2.23 33.67
CA GLU A 13 6.59 -3.17 34.58
C GLU A 13 7.64 -3.85 35.42
N THR A 14 8.72 -4.25 34.75
CA THR A 14 9.83 -4.88 35.40
C THR A 14 10.60 -3.91 36.30
N ILE A 15 10.86 -2.68 35.85
CA ILE A 15 11.60 -1.71 36.68
C ILE A 15 10.85 -1.39 37.97
N GLU A 16 9.54 -1.18 37.90
CA GLU A 16 8.73 -0.88 39.08
C GLU A 16 8.74 -2.04 40.08
N ALA A 17 8.71 -3.27 39.56
CA ALA A 17 8.76 -4.47 40.39
C ALA A 17 10.12 -4.54 41.09
N TRP A 18 11.19 -4.27 40.35
CA TRP A 18 12.55 -4.26 40.88
C TRP A 18 12.66 -3.20 41.97
N THR A 19 12.04 -2.02 41.78
CA THR A 19 12.13 -0.95 42.78
C THR A 19 11.54 -1.46 44.09
N LYS A 20 10.45 -2.19 43.98
CA LYS A 20 9.76 -2.77 45.13
C LYS A 20 10.60 -3.90 45.78
N GLN A 21 11.15 -4.77 44.94
CA GLN A 21 11.94 -5.88 45.41
C GLN A 21 13.26 -5.45 46.01
N VAL A 22 14.01 -4.60 45.30
CA VAL A 22 15.30 -4.15 45.81
C VAL A 22 15.13 -3.44 47.18
N THR A 23 14.02 -2.76 47.37
CA THR A 23 13.76 -2.10 48.66
C THR A 23 13.43 -3.11 49.76
N SER A 24 12.58 -4.10 49.44
CA SER A 24 12.20 -5.11 50.42
C SER A 24 13.42 -5.90 50.83
N GLU A 25 14.32 -6.12 49.88
CA GLU A 25 15.53 -6.86 50.16
C GLU A 25 16.61 -6.13 50.95
N ASN A 26 16.58 -4.79 50.93
CA ASN A 26 17.56 -3.96 51.66
C ASN A 26 16.92 -2.85 52.52
N PRO A 27 16.07 -3.19 53.51
CA PRO A 27 15.39 -2.21 54.38
C PRO A 27 16.31 -1.30 55.19
N ASP A 28 17.52 -1.79 55.38
CA ASP A 28 18.59 -1.11 56.10
C ASP A 28 19.27 0.01 55.30
N LEU A 29 19.18 -0.12 53.96
CA LEU A 29 19.80 0.80 53.02
C LEU A 29 18.89 1.48 52.01
N ILE A 30 17.67 1.00 51.84
CA ILE A 30 16.83 1.63 50.83
C ILE A 30 15.41 1.89 51.26
N SER A 31 14.91 3.06 50.90
CA SER A 31 13.53 3.40 51.17
C SER A 31 13.01 3.93 49.84
N ARG A 32 11.83 3.45 49.46
CA ARG A 32 11.22 3.80 48.20
C ARG A 32 10.08 4.77 48.45
N THR A 33 9.91 5.69 47.51
CA THR A 33 8.92 6.73 47.61
C THR A 33 8.43 7.17 46.24
N ALA A 34 7.17 7.60 46.16
CA ALA A 34 6.58 8.11 44.94
C ALA A 34 6.62 9.62 45.12
N ILE A 35 7.03 10.36 44.09
CA ILE A 35 7.12 11.80 44.21
C ILE A 35 6.09 12.51 43.31
N GLY A 36 5.28 11.72 42.62
CA GLY A 36 4.27 12.29 41.76
C GLY A 36 3.82 11.22 40.81
N THR A 37 3.00 11.62 39.86
CA THR A 37 2.54 10.69 38.85
C THR A 37 2.80 11.30 37.49
N THR A 38 2.95 10.43 36.52
CA THR A 38 3.17 10.85 35.14
C THR A 38 1.83 11.32 34.53
N PHE A 39 1.89 11.89 33.33
CA PHE A 39 0.69 12.33 32.66
C PHE A 39 -0.30 11.18 32.55
N LEU A 40 0.22 9.95 32.38
CA LEU A 40 -0.60 8.74 32.21
C LEU A 40 -0.86 7.83 33.41
N GLY A 41 -0.59 8.31 34.62
CA GLY A 41 -0.90 7.48 35.78
C GLY A 41 0.16 6.59 36.39
N ASN A 42 1.38 6.68 35.87
CA ASN A 42 2.49 5.88 36.39
C ASN A 42 3.11 6.55 37.62
N ASN A 43 3.52 5.75 38.59
CA ASN A 43 4.10 6.28 39.80
C ASN A 43 5.55 6.67 39.59
N ILE A 44 5.92 7.91 39.92
CA ILE A 44 7.32 8.34 39.77
C ILE A 44 8.09 8.03 41.06
N TYR A 45 8.72 6.85 41.07
CA TYR A 45 9.48 6.34 42.21
C TYR A 45 10.83 7.00 42.45
N LEU A 46 11.21 7.07 43.71
CA LEU A 46 12.47 7.64 44.10
C LEU A 46 12.99 6.69 45.16
N LEU A 47 14.28 6.37 45.07
CA LEU A 47 14.88 5.48 46.03
C LEU A 47 15.88 6.26 46.86
N LYS A 48 15.72 6.23 48.17
CA LYS A 48 16.64 6.90 49.09
C LYS A 48 17.63 5.83 49.52
N VAL A 49 18.85 5.92 49.00
CA VAL A 49 19.91 4.96 49.25
C VAL A 49 20.92 5.49 50.27
N GLY A 50 21.05 4.80 51.40
CA GLY A 50 22.00 5.24 52.41
C GLY A 50 21.64 4.70 53.79
N LYS A 51 22.55 4.77 54.73
CA LYS A 51 22.25 4.29 56.07
C LYS A 51 21.49 5.42 56.75
N PRO A 52 20.24 5.19 57.16
CA PRO A 52 19.41 6.19 57.82
C PRO A 52 20.12 6.82 59.00
N GLY A 53 19.97 8.11 59.14
CA GLY A 53 20.59 8.82 60.24
C GLY A 53 19.94 10.17 60.27
N PRO A 54 20.23 11.00 61.29
CA PRO A 54 19.60 12.32 61.35
C PRO A 54 20.32 13.37 60.47
N ASN A 55 19.53 14.31 59.92
CA ASN A 55 20.02 15.43 59.09
C ASN A 55 21.27 15.21 58.22
N LYS A 56 21.21 14.17 57.39
CA LYS A 56 22.28 13.80 56.48
C LYS A 56 22.17 14.61 55.20
N PRO A 57 23.30 14.88 54.54
CA PRO A 57 23.26 15.62 53.27
C PRO A 57 22.98 14.58 52.20
N ALA A 58 22.68 15.02 50.98
CA ALA A 58 22.34 14.08 49.91
C ALA A 58 22.86 14.49 48.57
N ILE A 59 22.88 13.52 47.67
CA ILE A 59 23.27 13.71 46.29
C ILE A 59 22.09 13.14 45.52
N PHE A 60 21.54 13.93 44.60
CA PHE A 60 20.37 13.52 43.81
C PHE A 60 20.78 13.13 42.38
N MET A 61 20.38 11.94 41.96
CA MET A 61 20.66 11.43 40.64
C MET A 61 19.39 10.93 40.03
N ASP A 62 19.12 11.34 38.80
CA ASP A 62 17.94 10.88 38.09
C ASP A 62 18.40 10.26 36.78
N CYS A 63 17.55 9.38 36.26
CA CYS A 63 17.78 8.71 34.99
C CYS A 63 16.42 8.69 34.27
N GLY A 64 16.44 8.38 32.99
CA GLY A 64 15.20 8.30 32.24
C GLY A 64 14.48 9.59 31.88
N PHE A 65 15.20 10.70 31.78
CA PHE A 65 14.58 11.97 31.36
C PHE A 65 14.04 11.75 29.97
N HIS A 66 14.89 11.19 29.13
CA HIS A 66 14.55 10.98 27.75
C HIS A 66 14.32 9.52 27.48
N ALA A 67 13.13 9.23 26.95
CA ALA A 67 12.70 7.87 26.69
C ALA A 67 13.64 6.91 25.92
N ARG A 68 14.27 7.38 24.85
CA ARG A 68 15.12 6.53 24.07
C ARG A 68 16.51 6.25 24.61
N GLU A 69 16.93 7.01 25.61
CA GLU A 69 18.24 6.88 26.22
C GLU A 69 18.26 5.76 27.28
N TRP A 70 18.01 4.56 26.79
CA TRP A 70 17.95 3.35 27.60
C TRP A 70 19.17 3.07 28.47
N ILE A 71 20.36 3.48 28.04
CA ILE A 71 21.52 3.21 28.86
C ILE A 71 21.46 3.95 30.19
N SER A 72 20.77 5.09 30.24
CA SER A 72 20.65 5.84 31.49
C SER A 72 19.74 5.11 32.47
N HIS A 73 18.67 4.52 31.96
CA HIS A 73 17.74 3.81 32.84
C HIS A 73 18.53 2.66 33.45
N ALA A 74 19.26 1.96 32.61
CA ALA A 74 20.04 0.84 33.08
C ALA A 74 21.08 1.25 34.14
N PHE A 75 21.67 2.44 33.98
CA PHE A 75 22.67 2.88 34.91
C PHE A 75 22.15 3.10 36.30
N CYS A 76 20.97 3.67 36.44
CA CYS A 76 20.35 3.94 37.75
C CYS A 76 20.16 2.66 38.53
N GLN A 77 19.79 1.60 37.81
CA GLN A 77 19.56 0.26 38.34
C GLN A 77 20.88 -0.37 38.78
N TRP A 78 21.87 -0.31 37.91
CA TRP A 78 23.21 -0.83 38.15
C TRP A 78 23.77 -0.19 39.42
N PHE A 79 23.68 1.14 39.50
CA PHE A 79 24.15 1.90 40.65
C PHE A 79 23.54 1.38 41.96
N VAL A 80 22.22 1.21 41.99
CA VAL A 80 21.55 0.72 43.18
C VAL A 80 22.11 -0.62 43.67
N ARG A 81 22.34 -1.57 42.77
CA ARG A 81 22.90 -2.85 43.18
C ARG A 81 24.32 -2.74 43.69
N GLU A 82 25.14 -1.94 43.00
CA GLU A 82 26.54 -1.73 43.37
C GLU A 82 26.62 -1.11 44.76
N ALA A 83 25.71 -0.20 45.04
CA ALA A 83 25.68 0.44 46.33
C ALA A 83 25.42 -0.60 47.43
N VAL A 84 24.40 -1.44 47.28
CA VAL A 84 24.13 -2.41 48.34
C VAL A 84 25.05 -3.60 48.47
N LEU A 85 25.63 -4.06 47.37
CA LEU A 85 26.54 -5.20 47.47
C LEU A 85 27.93 -4.83 48.01
N THR A 86 28.34 -3.58 47.81
CA THR A 86 29.66 -3.19 48.26
C THR A 86 29.69 -2.48 49.58
N TYR A 87 28.52 -2.08 50.06
CA TYR A 87 28.42 -1.40 51.36
C TYR A 87 28.98 -2.34 52.42
N GLY A 88 29.94 -1.85 53.19
CA GLY A 88 30.54 -2.69 54.19
C GLY A 88 31.77 -3.41 53.70
N TYR A 89 31.97 -3.43 52.38
CA TYR A 89 33.14 -4.09 51.79
C TYR A 89 34.05 -3.09 51.11
N GLU A 90 33.48 -2.14 50.40
CA GLU A 90 34.29 -1.13 49.73
C GLU A 90 34.26 0.12 50.65
N SER A 91 35.42 0.58 51.11
CA SER A 91 35.48 1.72 52.03
C SER A 91 34.82 3.01 51.58
N HIS A 92 34.99 3.36 50.32
CA HIS A 92 34.38 4.57 49.81
C HIS A 92 32.86 4.47 49.80
N MET A 93 32.30 3.42 49.20
CA MET A 93 30.86 3.28 49.17
C MET A 93 30.33 3.15 50.60
N THR A 94 31.08 2.46 51.45
CA THR A 94 30.69 2.29 52.84
C THR A 94 30.57 3.68 53.50
N GLU A 95 31.59 4.52 53.33
CA GLU A 95 31.60 5.89 53.89
C GLU A 95 30.52 6.76 53.22
N PHE A 96 30.30 6.62 51.91
CA PHE A 96 29.27 7.40 51.21
C PHE A 96 27.90 7.16 51.84
N LEU A 97 27.47 5.90 51.92
CA LEU A 97 26.15 5.56 52.48
C LEU A 97 26.00 5.88 53.95
N ASN A 98 27.11 5.85 54.67
CA ASN A 98 27.08 6.20 56.08
C ASN A 98 26.85 7.70 56.25
N LYS A 99 27.57 8.50 55.46
CA LYS A 99 27.53 9.96 55.53
C LYS A 99 26.41 10.71 54.79
N LEU A 100 26.04 10.23 53.61
CA LEU A 100 25.01 10.91 52.83
C LEU A 100 23.92 9.98 52.31
N ASP A 101 22.87 10.57 51.78
CA ASP A 101 21.75 9.84 51.19
C ASP A 101 21.81 10.06 49.68
N PHE A 102 21.67 8.99 48.90
CA PHE A 102 21.68 9.09 47.45
C PHE A 102 20.26 9.04 46.96
N TYR A 103 19.73 10.12 46.42
CA TYR A 103 18.39 10.06 45.89
C TYR A 103 18.55 9.59 44.44
N VAL A 104 18.08 8.39 44.14
CA VAL A 104 18.17 7.79 42.82
C VAL A 104 16.76 7.70 42.24
N LEU A 105 16.50 8.45 41.19
CA LEU A 105 15.20 8.40 40.55
C LEU A 105 15.45 7.56 39.28
N PRO A 106 14.99 6.28 39.28
CA PRO A 106 15.17 5.34 38.17
C PRO A 106 14.70 5.79 36.80
N VAL A 107 13.48 6.33 36.71
CA VAL A 107 12.92 6.80 35.44
C VAL A 107 11.97 7.99 35.68
N LEU A 108 12.27 9.14 35.09
CA LEU A 108 11.40 10.29 35.25
C LEU A 108 10.31 10.20 34.22
N ASN A 109 10.70 10.09 32.96
CA ASN A 109 9.76 10.03 31.86
C ASN A 109 9.31 8.61 31.60
N ILE A 110 8.54 8.08 32.53
CA ILE A 110 8.03 6.74 32.44
C ILE A 110 7.09 6.55 31.21
N ASP A 111 6.21 7.51 30.98
CA ASP A 111 5.27 7.49 29.85
C ASP A 111 5.94 7.35 28.48
N GLY A 112 6.98 8.17 28.26
CA GLY A 112 7.71 8.09 27.00
C GLY A 112 8.50 6.79 26.95
N TYR A 113 8.98 6.30 28.11
CA TYR A 113 9.75 5.07 28.14
C TYR A 113 8.88 3.91 27.67
N ILE A 114 7.67 3.82 28.20
CA ILE A 114 6.73 2.78 27.78
C ILE A 114 6.51 2.87 26.27
N TYR A 115 6.42 4.10 25.76
CA TYR A 115 6.23 4.32 24.33
C TYR A 115 7.40 3.75 23.46
N THR A 116 8.64 3.87 23.91
CA THR A 116 9.78 3.33 23.16
C THR A 116 9.75 1.81 23.14
N TRP A 117 9.06 1.25 24.13
CA TRP A 117 8.88 -0.18 24.27
C TRP A 117 7.69 -0.72 23.48
N THR A 118 6.64 0.09 23.35
CA THR A 118 5.43 -0.35 22.67
C THR A 118 5.15 0.11 21.25
N LYS A 119 5.69 1.27 20.87
CA LYS A 119 5.41 1.85 19.55
C LYS A 119 6.53 2.56 18.85
N ASN A 120 7.30 3.34 19.60
CA ASN A 120 8.37 4.10 18.99
C ASN A 120 9.66 4.15 19.82
N ARG A 121 10.62 3.28 19.48
CA ARG A 121 11.94 3.16 20.13
C ARG A 121 12.72 4.48 20.22
N MET A 122 12.49 5.36 19.25
CA MET A 122 13.18 6.62 19.19
C MET A 122 12.48 7.82 19.78
N TRP A 123 11.42 7.57 20.55
CA TRP A 123 10.64 8.63 21.21
C TRP A 123 11.54 9.27 22.27
N ARG A 124 11.34 10.55 22.54
CA ARG A 124 12.19 11.30 23.45
C ARG A 124 11.43 12.06 24.53
N LYS A 125 10.41 12.79 24.08
CA LYS A 125 9.60 13.64 24.93
C LYS A 125 8.64 12.85 25.82
N THR A 126 7.80 13.56 26.57
CA THR A 126 6.79 12.92 27.44
C THR A 126 5.65 12.52 26.55
N ARG A 127 4.57 12.00 27.11
CA ARG A 127 3.46 11.60 26.27
C ARG A 127 2.21 12.44 26.54
N SER A 128 2.40 13.69 26.93
CA SER A 128 1.25 14.53 27.18
C SER A 128 0.64 15.18 25.95
N THR A 129 -0.62 15.53 26.16
CA THR A 129 -1.44 16.16 25.17
C THR A 129 -1.20 17.66 25.08
N ASN A 130 -1.26 18.18 23.84
CA ASN A 130 -1.06 19.60 23.57
C ASN A 130 -2.31 20.17 22.94
N ALA A 131 -2.80 21.25 23.52
CA ALA A 131 -3.99 21.92 23.04
C ALA A 131 -3.78 22.40 21.63
N GLY A 132 -4.86 22.40 20.87
CA GLY A 132 -4.81 22.89 19.52
C GLY A 132 -4.00 22.09 18.54
N THR A 133 -3.60 20.87 18.92
CA THR A 133 -2.81 20.02 18.05
C THR A 133 -2.92 18.54 18.40
N THR A 134 -2.58 17.69 17.42
CA THR A 134 -2.58 16.24 17.60
C THR A 134 -1.19 15.82 18.11
N CYS A 135 -0.26 16.75 17.97
CA CYS A 135 1.12 16.56 18.37
C CYS A 135 1.27 16.31 19.85
N ILE A 136 1.93 15.20 20.19
CA ILE A 136 2.18 14.77 21.56
C ILE A 136 3.62 14.97 22.07
N GLY A 137 3.72 15.50 23.30
CA GLY A 137 5.01 15.67 23.94
C GLY A 137 5.70 17.00 24.12
N THR A 138 6.37 17.07 25.25
CA THR A 138 7.14 18.20 25.66
C THR A 138 8.49 17.59 25.98
N ASP A 139 9.56 18.28 25.62
CA ASP A 139 10.89 17.79 25.94
C ASP A 139 11.07 18.12 27.41
N PRO A 140 11.26 17.11 28.25
CA PRO A 140 11.43 17.39 29.68
C PRO A 140 12.69 18.20 30.03
N ASN A 141 13.77 18.06 29.25
CA ASN A 141 14.96 18.83 29.56
C ASN A 141 14.95 20.20 28.89
N ARG A 142 13.74 20.68 28.62
CA ARG A 142 13.47 21.99 28.02
C ARG A 142 12.30 22.63 28.79
N ASN A 143 11.85 21.96 29.85
CA ASN A 143 10.70 22.41 30.57
C ASN A 143 10.99 22.99 31.94
N PHE A 144 12.26 23.23 32.24
CA PHE A 144 12.61 23.83 33.53
C PHE A 144 12.74 25.34 33.45
N ASP A 145 12.62 25.98 34.61
CA ASP A 145 12.69 27.43 34.74
C ASP A 145 14.12 27.95 34.69
N ALA A 146 14.80 27.69 33.58
CA ALA A 146 16.16 28.16 33.45
C ALA A 146 16.26 28.83 32.09
N GLY A 147 15.93 30.12 32.05
CA GLY A 147 15.96 30.88 30.80
C GLY A 147 15.03 30.13 29.87
N TRP A 148 13.97 29.60 30.46
CA TRP A 148 12.99 28.78 29.78
C TRP A 148 12.63 29.17 28.36
N CYS A 149 12.85 28.22 27.46
CA CYS A 149 12.50 28.36 26.05
C CYS A 149 13.08 29.53 25.32
N THR A 150 14.17 30.09 25.82
CA THR A 150 14.76 31.25 25.19
C THR A 150 15.75 30.93 24.11
N THR A 151 16.16 29.67 24.01
CA THR A 151 17.15 29.28 23.04
C THR A 151 17.24 27.77 23.04
N GLY A 152 17.53 27.18 21.89
CA GLY A 152 17.64 25.73 21.79
C GLY A 152 16.40 24.92 22.14
N ALA A 153 15.24 25.57 22.08
CA ALA A 153 13.95 24.95 22.40
C ALA A 153 12.99 25.46 21.33
N SER A 154 11.97 24.67 21.01
CA SER A 154 10.99 25.09 20.00
C SER A 154 9.66 25.41 20.67
N THR A 155 8.89 26.34 20.10
CA THR A 155 7.59 26.71 20.63
C THR A 155 6.45 25.91 20.00
N ASP A 156 6.83 24.97 19.14
CA ASP A 156 5.91 24.11 18.39
C ASP A 156 5.87 22.74 19.05
N PRO A 157 4.68 22.27 19.48
CA PRO A 157 4.40 21.00 20.14
C PRO A 157 4.79 19.81 19.30
N CYS A 158 4.91 20.03 17.99
CA CYS A 158 5.23 18.99 17.01
C CYS A 158 6.72 18.74 16.89
N ASP A 159 7.50 19.61 17.52
CA ASP A 159 8.94 19.50 17.49
C ASP A 159 9.46 18.67 18.66
N GLU A 160 10.55 17.97 18.42
CA GLU A 160 11.15 17.13 19.43
C GLU A 160 11.71 17.89 20.61
N THR A 161 11.93 19.19 20.46
CA THR A 161 12.46 20.00 21.56
C THR A 161 11.45 20.99 22.09
N TYR A 162 10.18 20.62 21.99
CA TYR A 162 9.12 21.49 22.49
C TYR A 162 9.42 21.78 23.95
N CYS A 163 9.37 23.07 24.31
CA CYS A 163 9.63 23.54 25.67
C CYS A 163 8.43 23.48 26.60
N GLY A 164 7.30 23.00 26.10
CA GLY A 164 6.12 22.92 26.92
C GLY A 164 5.35 24.21 26.83
N SER A 165 4.14 24.22 27.34
CA SER A 165 3.32 25.42 27.31
C SER A 165 3.85 26.49 28.27
N ALA A 166 4.60 26.04 29.27
CA ALA A 166 5.18 26.91 30.28
C ALA A 166 6.12 26.04 31.07
N ALA A 167 6.93 26.67 31.91
CA ALA A 167 7.88 25.93 32.73
C ALA A 167 7.12 25.05 33.72
N GLU A 168 7.59 23.82 33.85
CA GLU A 168 6.99 22.87 34.75
C GLU A 168 5.57 22.51 34.38
N SER A 169 5.26 22.60 33.10
CA SER A 169 3.93 22.26 32.63
C SER A 169 3.73 20.77 32.83
N GLU A 170 4.80 19.98 32.66
CA GLU A 170 4.74 18.52 32.79
C GLU A 170 4.69 18.08 34.26
N LYS A 171 3.82 17.14 34.59
CA LYS A 171 3.72 16.68 35.94
C LYS A 171 5.05 16.14 36.43
N GLU A 172 5.80 15.52 35.51
CA GLU A 172 7.08 14.90 35.83
C GLU A 172 8.13 15.93 36.25
N THR A 173 8.25 17.00 35.47
CA THR A 173 9.23 18.02 35.77
C THR A 173 8.83 18.82 36.98
N LYS A 174 7.54 19.13 37.09
CA LYS A 174 7.03 19.86 38.24
C LYS A 174 7.24 19.01 39.49
N ALA A 175 7.06 17.69 39.35
CA ALA A 175 7.23 16.79 40.49
C ALA A 175 8.70 16.69 40.90
N LEU A 176 9.58 16.69 39.92
CA LEU A 176 11.01 16.65 40.21
C LEU A 176 11.36 18.00 40.87
N ALA A 177 10.94 19.11 40.26
CA ALA A 177 11.21 20.45 40.78
C ALA A 177 10.69 20.64 42.21
N ASP A 178 9.49 20.15 42.47
CA ASP A 178 8.90 20.24 43.81
C ASP A 178 9.75 19.52 44.85
N PHE A 179 10.20 18.32 44.51
CA PHE A 179 11.02 17.54 45.39
C PHE A 179 12.32 18.26 45.67
N ILE A 180 13.03 18.67 44.63
CA ILE A 180 14.29 19.36 44.83
C ILE A 180 14.13 20.65 45.65
N ARG A 181 13.01 21.35 45.44
CA ARG A 181 12.75 22.55 46.19
C ARG A 181 12.46 22.22 47.65
N ASN A 182 11.77 21.12 47.91
CA ASN A 182 11.48 20.76 49.30
C ASN A 182 12.62 20.11 50.10
N ASN A 183 13.73 19.83 49.43
CA ASN A 183 14.86 19.19 50.10
C ASN A 183 16.14 19.90 49.77
N LEU A 184 16.01 21.12 49.28
CA LEU A 184 17.15 21.95 48.90
C LEU A 184 18.30 21.97 49.92
N SER A 185 17.95 22.05 51.19
CA SER A 185 18.89 22.08 52.31
C SER A 185 19.89 20.95 52.39
N SER A 186 19.45 19.75 52.03
CA SER A 186 20.29 18.58 52.11
C SER A 186 20.98 18.19 50.82
N ILE A 187 20.35 18.54 49.70
CA ILE A 187 20.86 18.24 48.40
C ILE A 187 22.07 19.11 48.03
N LYS A 188 23.23 18.45 48.02
CA LYS A 188 24.52 19.07 47.70
C LYS A 188 24.99 18.99 46.24
N ALA A 189 24.49 18.02 45.48
CA ALA A 189 24.89 17.87 44.10
C ALA A 189 23.74 17.32 43.29
N TYR A 190 23.69 17.68 42.01
CA TYR A 190 22.64 17.20 41.12
C TYR A 190 23.31 16.51 39.95
N LEU A 191 22.92 15.26 39.73
CA LEU A 191 23.47 14.41 38.69
C LEU A 191 22.31 13.91 37.84
N THR A 192 22.33 14.24 36.55
CA THR A 192 21.29 13.85 35.63
C THR A 192 21.93 13.03 34.48
N ILE A 193 21.50 11.77 34.39
CA ILE A 193 22.03 10.78 33.45
C ILE A 193 21.34 10.68 32.08
N HIS A 194 22.14 10.89 31.03
CA HIS A 194 21.66 10.85 29.66
C HIS A 194 22.57 10.02 28.75
N SER A 195 22.30 10.04 27.45
CA SER A 195 23.12 9.42 26.43
C SER A 195 22.62 10.06 25.12
N TYR A 196 23.44 10.10 24.08
CA TYR A 196 24.82 9.60 24.06
C TYR A 196 25.74 10.76 23.67
N SER A 197 27.06 10.51 23.65
CA SER A 197 28.07 11.51 23.27
C SER A 197 29.36 11.35 24.04
N GLN A 198 29.27 10.73 25.23
CA GLN A 198 30.40 10.50 26.11
C GLN A 198 30.93 11.85 26.57
N MET A 199 30.17 12.48 27.43
CA MET A 199 30.52 13.80 27.92
C MET A 199 30.01 14.01 29.33
N ILE A 200 30.65 14.94 30.05
CA ILE A 200 30.23 15.38 31.38
C ILE A 200 30.08 16.89 31.22
N LEU A 201 28.86 17.38 31.38
CA LEU A 201 28.58 18.79 31.23
C LEU A 201 28.17 19.42 32.54
N TYR A 202 28.35 20.74 32.60
CA TYR A 202 28.00 21.54 33.78
C TYR A 202 27.42 22.85 33.28
N PRO A 203 26.78 23.63 34.15
CA PRO A 203 26.17 24.91 33.76
C PRO A 203 27.15 25.88 33.09
N TYR A 204 26.69 26.76 32.18
CA TYR A 204 25.29 26.91 31.76
C TYR A 204 25.10 26.55 30.29
N SER A 205 23.91 26.05 29.99
CA SER A 205 23.52 25.75 28.63
C SER A 205 22.51 26.79 28.14
N TYR A 206 21.73 27.38 29.03
CA TYR A 206 20.76 28.36 28.57
C TYR A 206 21.39 29.68 28.30
N ASP A 207 22.70 29.75 28.56
CA ASP A 207 23.48 30.97 28.37
C ASP A 207 24.96 30.68 28.22
N TYR A 208 25.68 31.62 27.63
CA TYR A 208 27.12 31.49 27.45
C TYR A 208 27.93 32.01 28.64
N LYS A 209 27.23 32.47 29.67
CA LYS A 209 27.89 32.94 30.88
C LYS A 209 28.33 31.65 31.58
N LEU A 210 29.32 31.77 32.45
CA LEU A 210 29.85 30.63 33.19
C LEU A 210 29.40 30.71 34.63
N PRO A 211 29.36 29.56 35.34
CA PRO A 211 28.95 29.60 36.74
C PRO A 211 30.11 30.16 37.60
N GLU A 212 29.82 30.58 38.84
CA GLU A 212 30.87 31.13 39.72
C GLU A 212 32.03 30.17 39.95
N ASN A 213 31.71 28.90 40.13
CA ASN A 213 32.72 27.87 40.38
C ASN A 213 33.11 27.14 39.13
N ASN A 214 33.00 27.84 38.01
CA ASN A 214 33.33 27.29 36.70
C ASN A 214 34.61 26.46 36.69
N ALA A 215 35.71 27.08 37.13
CA ALA A 215 37.01 26.40 37.16
C ALA A 215 37.04 25.20 38.10
N GLU A 216 36.29 25.26 39.21
CA GLU A 216 36.24 24.14 40.16
C GLU A 216 35.52 22.96 39.49
N LEU A 217 34.43 23.30 38.80
CA LEU A 217 33.62 22.30 38.11
C LEU A 217 34.38 21.72 36.95
N ASN A 218 35.28 22.52 36.39
CA ASN A 218 36.05 22.06 35.26
C ASN A 218 37.08 21.03 35.71
N ASN A 219 37.73 21.35 36.82
CA ASN A 219 38.74 20.50 37.44
C ASN A 219 38.18 19.15 37.84
N LEU A 220 36.97 19.21 38.41
CA LEU A 220 36.20 18.06 38.85
C LEU A 220 35.74 17.24 37.64
N ALA A 221 35.13 17.88 36.64
CA ALA A 221 34.68 17.17 35.44
C ALA A 221 35.88 16.50 34.75
N LYS A 222 37.01 17.20 34.75
CA LYS A 222 38.28 16.74 34.20
C LYS A 222 38.80 15.51 34.97
N ALA A 223 38.77 15.58 36.29
CA ALA A 223 39.22 14.48 37.14
C ALA A 223 38.32 13.25 36.98
N ALA A 224 37.02 13.49 36.93
CA ALA A 224 36.05 12.41 36.76
C ALA A 224 36.22 11.70 35.43
N VAL A 225 36.42 12.44 34.34
CA VAL A 225 36.58 11.77 33.06
C VAL A 225 37.86 10.96 33.08
N LYS A 226 38.87 11.42 33.81
CA LYS A 226 40.14 10.71 33.93
C LYS A 226 39.88 9.38 34.63
N GLU A 227 39.06 9.39 35.67
CA GLU A 227 38.71 8.16 36.38
C GLU A 227 38.04 7.13 35.48
N LEU A 228 36.99 7.54 34.80
CA LEU A 228 36.24 6.67 33.91
C LEU A 228 37.08 5.99 32.86
N ALA A 229 38.05 6.72 32.31
CA ALA A 229 38.95 6.22 31.26
C ALA A 229 39.90 5.11 31.68
N THR A 230 40.13 4.98 32.98
CA THR A 230 41.05 3.96 33.51
C THR A 230 40.67 2.54 33.14
N LEU A 231 39.40 2.24 33.33
CA LEU A 231 38.83 0.91 33.09
C LEU A 231 38.97 0.35 31.70
N TYR A 232 38.47 1.09 30.70
CA TYR A 232 38.52 0.64 29.29
C TYR A 232 38.97 1.69 28.29
N GLY A 233 39.61 2.76 28.73
CA GLY A 233 40.04 3.80 27.82
C GLY A 233 38.96 4.67 27.17
N THR A 234 37.74 4.65 27.68
CA THR A 234 36.65 5.44 27.11
C THR A 234 36.94 6.92 27.33
N LYS A 235 36.87 7.67 26.22
CA LYS A 235 37.16 9.09 26.19
C LYS A 235 35.92 9.95 26.24
N TYR A 236 35.86 10.80 27.25
CA TYR A 236 34.75 11.72 27.45
C TYR A 236 35.27 13.13 27.35
N THR A 237 34.42 14.03 26.91
CA THR A 237 34.74 15.43 26.85
C THR A 237 33.85 16.06 27.92
N TYR A 238 34.20 17.26 28.37
CA TYR A 238 33.45 17.92 29.42
C TYR A 238 33.56 19.40 29.24
N GLY A 239 32.70 20.13 29.95
CA GLY A 239 32.71 21.57 29.87
C GLY A 239 31.32 22.17 30.00
N PRO A 240 31.21 23.50 29.94
CA PRO A 240 29.88 24.12 30.06
C PRO A 240 29.02 23.78 28.84
N GLY A 241 27.77 23.45 29.09
CA GLY A 241 26.87 23.06 28.02
C GLY A 241 26.86 23.83 26.71
N ALA A 242 26.57 25.13 26.76
CA ALA A 242 26.47 26.00 25.59
C ALA A 242 27.65 25.88 24.64
N THR A 243 28.84 25.82 25.20
CA THR A 243 30.05 25.68 24.39
C THR A 243 30.53 24.26 24.19
N THR A 244 30.07 23.32 25.01
CA THR A 244 30.54 21.97 24.83
C THR A 244 29.59 21.20 23.95
N ILE A 245 28.31 21.47 24.10
CA ILE A 245 27.31 20.79 23.32
C ILE A 245 26.42 21.80 22.60
N TYR A 246 25.67 22.63 23.31
CA TYR A 246 24.80 23.59 22.62
C TYR A 246 23.92 24.42 23.54
N PRO A 247 23.65 25.69 23.16
CA PRO A 247 22.78 26.51 24.00
C PRO A 247 21.36 25.89 23.91
N ALA A 248 20.78 25.66 25.08
CA ALA A 248 19.47 25.09 25.16
C ALA A 248 18.95 25.53 26.51
N ALA A 249 17.77 26.11 26.49
CA ALA A 249 17.17 26.61 27.70
C ALA A 249 16.28 25.56 28.31
N GLY A 250 15.92 25.78 29.57
CA GLY A 250 15.03 24.88 30.28
C GLY A 250 15.63 23.58 30.76
N GLY A 251 16.95 23.50 30.82
CA GLY A 251 17.60 22.28 31.29
C GLY A 251 17.51 22.19 32.80
N SER A 252 17.41 20.97 33.34
CA SER A 252 17.32 20.76 34.77
C SER A 252 18.66 20.94 35.50
N ASP A 253 19.75 20.75 34.77
CA ASP A 253 21.06 20.94 35.37
C ASP A 253 21.27 22.43 35.72
N ASP A 254 20.92 23.32 34.79
CA ASP A 254 21.07 24.76 34.99
C ASP A 254 20.20 25.24 36.12
N TRP A 255 18.95 24.79 36.07
CA TRP A 255 17.93 25.10 37.06
C TRP A 255 18.37 24.73 38.49
N ALA A 256 18.77 23.48 38.67
CA ALA A 256 19.22 23.00 39.98
C ALA A 256 20.40 23.89 40.43
N TYR A 257 21.33 24.16 39.53
CA TYR A 257 22.47 25.00 39.87
C TYR A 257 21.98 26.33 40.39
N ASP A 258 20.99 26.89 39.68
CA ASP A 258 20.41 28.18 40.03
C ASP A 258 19.61 28.14 41.35
N GLN A 259 19.31 26.93 41.84
CA GLN A 259 18.63 26.77 43.13
C GLN A 259 19.68 26.91 44.23
N GLY A 260 20.95 26.76 43.85
CA GLY A 260 22.03 26.87 44.82
C GLY A 260 22.86 25.61 44.89
N ILE A 261 22.49 24.59 44.12
CA ILE A 261 23.23 23.34 44.13
C ILE A 261 24.46 23.56 43.27
N LYS A 262 25.60 23.77 43.91
CA LYS A 262 26.82 24.08 43.20
C LYS A 262 27.46 23.02 42.34
N TYR A 263 27.22 21.75 42.63
CA TYR A 263 27.81 20.68 41.82
C TYR A 263 26.65 20.09 41.04
N SER A 264 26.53 20.53 39.77
CA SER A 264 25.45 20.08 38.90
C SER A 264 25.99 19.58 37.57
N PHE A 265 25.85 18.29 37.31
CA PHE A 265 26.36 17.70 36.07
C PHE A 265 25.36 16.86 35.25
N THR A 266 25.49 16.98 33.91
CA THR A 266 24.71 16.21 32.96
C THR A 266 25.70 15.23 32.37
N PHE A 267 25.39 13.94 32.45
CA PHE A 267 26.25 12.88 31.93
C PHE A 267 25.66 12.35 30.65
N GLU A 268 26.48 12.28 29.60
CA GLU A 268 26.07 11.72 28.31
C GLU A 268 26.93 10.48 28.26
N LEU A 269 26.29 9.32 28.32
CA LEU A 269 27.00 8.03 28.32
C LEU A 269 27.31 7.52 26.89
N ARG A 270 27.91 6.34 26.76
CA ARG A 270 28.19 5.76 25.43
C ARG A 270 26.91 5.85 24.59
N ASP A 271 26.95 5.96 23.27
CA ASP A 271 28.11 5.99 22.37
C ASP A 271 28.59 7.38 22.02
N LYS A 272 29.30 7.43 20.89
CA LYS A 272 29.77 8.65 20.28
C LYS A 272 28.94 8.71 18.99
N GLY A 273 28.20 7.66 18.71
CA GLY A 273 27.35 7.68 17.53
C GLY A 273 27.21 6.42 16.70
N ARG A 274 28.08 5.44 16.93
CA ARG A 274 28.06 4.19 16.18
C ARG A 274 26.73 3.50 16.35
N TYR A 275 26.28 3.38 17.60
CA TYR A 275 24.99 2.76 17.92
C TYR A 275 24.03 3.86 18.39
N GLY A 276 24.59 4.93 18.95
CA GLY A 276 23.76 6.03 19.43
C GLY A 276 22.87 5.64 20.59
N PHE A 277 21.57 5.89 20.44
CA PHE A 277 20.57 5.56 21.45
C PHE A 277 20.30 4.07 21.53
N ILE A 278 20.59 3.34 20.45
CA ILE A 278 20.37 1.90 20.47
C ILE A 278 21.66 1.16 20.88
N LEU A 279 22.17 1.48 22.06
CA LEU A 279 23.41 0.87 22.55
C LEU A 279 23.12 -0.59 22.89
N PRO A 280 23.91 -1.53 22.32
CA PRO A 280 23.75 -2.97 22.56
C PRO A 280 23.72 -3.33 24.06
N GLU A 281 22.89 -4.28 24.45
CA GLU A 281 22.83 -4.67 25.84
C GLU A 281 24.20 -5.24 26.23
N SER A 282 24.96 -5.68 25.23
CA SER A 282 26.29 -6.23 25.46
C SER A 282 27.25 -5.22 26.05
N GLN A 283 26.91 -3.93 25.94
CA GLN A 283 27.74 -2.86 26.48
C GLN A 283 27.25 -2.29 27.81
N ILE A 284 26.12 -2.80 28.30
CA ILE A 284 25.57 -2.31 29.56
C ILE A 284 26.57 -2.40 30.68
N GLN A 285 27.13 -3.59 30.93
CA GLN A 285 28.08 -3.71 32.04
C GLN A 285 29.31 -2.82 31.97
N ALA A 286 30.03 -2.83 30.83
CA ALA A 286 31.22 -2.00 30.67
C ALA A 286 30.87 -0.52 30.84
N THR A 287 29.73 -0.09 30.27
CA THR A 287 29.29 1.29 30.39
C THR A 287 29.03 1.66 31.85
N CYS A 288 28.21 0.85 32.52
CA CYS A 288 27.88 1.11 33.90
C CYS A 288 29.07 1.07 34.82
N GLU A 289 30.02 0.18 34.56
CA GLU A 289 31.24 0.06 35.36
C GLU A 289 32.09 1.31 35.33
N GLU A 290 32.44 1.74 34.14
CA GLU A 290 33.25 2.96 33.98
C GLU A 290 32.54 4.19 34.55
N THR A 291 31.24 4.32 34.27
CA THR A 291 30.44 5.43 34.76
C THR A 291 30.40 5.45 36.29
N MET A 292 30.43 4.26 36.90
CA MET A 292 30.37 4.20 38.36
C MET A 292 31.56 4.93 38.98
N LEU A 293 32.74 4.73 38.38
CA LEU A 293 33.98 5.39 38.84
C LEU A 293 33.87 6.93 38.80
N ALA A 294 33.23 7.48 37.77
CA ALA A 294 33.05 8.94 37.65
C ALA A 294 32.09 9.49 38.73
N ILE A 295 30.93 8.83 38.86
CA ILE A 295 29.90 9.19 39.84
C ILE A 295 30.48 9.10 41.26
N LYS A 296 31.20 8.01 41.54
CA LYS A 296 31.81 7.82 42.86
C LYS A 296 32.93 8.86 43.07
N TYR A 297 33.60 9.25 41.98
CA TYR A 297 34.67 10.23 42.07
C TYR A 297 34.07 11.55 42.49
N VAL A 298 33.02 11.95 41.78
CA VAL A 298 32.33 13.19 42.10
C VAL A 298 31.71 13.16 43.51
N THR A 299 31.16 12.01 43.92
CA THR A 299 30.56 11.84 45.27
C THR A 299 31.64 12.05 46.34
N ASN A 300 32.80 11.47 46.15
CA ASN A 300 33.88 11.61 47.09
C ASN A 300 34.35 13.07 47.21
N TYR A 301 34.34 13.80 46.11
CA TYR A 301 34.75 15.19 46.12
C TYR A 301 33.77 16.05 46.91
N VAL A 302 32.50 15.91 46.56
CA VAL A 302 31.39 16.63 47.20
C VAL A 302 31.39 16.32 48.69
N LEU A 303 31.53 15.06 49.01
CA LEU A 303 31.56 14.62 50.38
C LEU A 303 32.70 15.27 51.18
N GLY A 304 33.90 15.20 50.63
CA GLY A 304 35.07 15.74 51.31
C GLY A 304 35.12 17.25 51.25
N HIS A 305 34.06 17.86 50.72
CA HIS A 305 33.96 19.30 50.58
C HIS A 305 32.75 19.87 51.33
N LEU A 306 32.30 19.16 52.33
CA LEU A 306 31.16 19.60 53.13
C LEU A 306 31.63 20.56 54.25
N THR B 2 20.33 13.00 7.46
CA THR B 2 19.91 14.40 7.37
C THR B 2 20.41 14.98 6.06
N GLY B 3 20.25 16.31 5.89
CA GLY B 3 20.69 16.99 4.67
C GLY B 3 19.63 16.88 3.58
N HIS B 4 18.79 17.90 3.47
CA HIS B 4 17.72 17.90 2.47
C HIS B 4 18.17 18.34 1.05
N SER B 5 17.73 17.58 0.04
CA SER B 5 17.99 17.92 -1.36
C SER B 5 16.68 17.65 -2.09
N TYR B 6 16.37 18.51 -3.06
CA TYR B 6 15.18 18.35 -3.89
C TYR B 6 15.42 17.32 -4.99
N GLU B 7 16.68 17.01 -5.29
CA GLU B 7 17.03 15.99 -6.30
C GLU B 7 17.53 14.67 -5.70
N LYS B 8 17.17 14.43 -4.44
CA LYS B 8 17.54 13.21 -3.73
C LYS B 8 16.33 12.75 -2.95
N TYR B 9 16.25 11.47 -2.65
CA TYR B 9 15.12 10.95 -1.87
C TYR B 9 15.53 11.22 -0.44
N ASN B 10 14.61 11.82 0.31
CA ASN B 10 14.86 12.17 1.71
C ASN B 10 14.09 11.28 2.71
N ASN B 11 14.79 10.83 3.76
CA ASN B 11 14.17 10.01 4.80
C ASN B 11 13.20 10.87 5.60
N TRP B 12 12.36 10.23 6.40
CA TRP B 12 11.37 10.96 7.20
C TRP B 12 11.94 12.06 8.07
N GLU B 13 13.02 11.77 8.76
CA GLU B 13 13.61 12.78 9.62
C GLU B 13 13.92 14.03 8.83
N THR B 14 14.48 13.82 7.63
CA THR B 14 14.84 14.91 6.75
C THR B 14 13.63 15.65 6.19
N ILE B 15 12.58 14.92 5.79
CA ILE B 15 11.37 15.57 5.28
C ILE B 15 10.63 16.36 6.40
N GLU B 16 10.62 15.81 7.62
CA GLU B 16 9.98 16.47 8.75
C GLU B 16 10.70 17.77 9.04
N ALA B 17 12.04 17.71 9.15
CA ALA B 17 12.84 18.90 9.40
C ALA B 17 12.59 19.92 8.29
N TRP B 18 12.50 19.44 7.05
CA TRP B 18 12.22 20.28 5.87
C TRP B 18 10.86 21.01 5.97
N THR B 19 9.82 20.34 6.45
CA THR B 19 8.51 20.97 6.55
C THR B 19 8.57 22.16 7.48
N LYS B 20 9.41 22.04 8.50
CA LYS B 20 9.60 23.09 9.48
C LYS B 20 10.37 24.25 8.87
N GLN B 21 11.47 23.96 8.18
CA GLN B 21 12.28 25.02 7.63
C GLN B 21 11.66 25.77 6.49
N VAL B 22 10.96 25.07 5.60
CA VAL B 22 10.33 25.71 4.45
C VAL B 22 9.15 26.60 4.94
N THR B 23 8.56 26.24 6.07
CA THR B 23 7.46 27.03 6.63
C THR B 23 8.06 28.26 7.29
N SER B 24 9.07 28.06 8.12
CA SER B 24 9.76 29.15 8.80
C SER B 24 10.33 30.16 7.83
N GLU B 25 10.79 29.69 6.68
CA GLU B 25 11.33 30.59 5.69
C GLU B 25 10.24 31.31 4.93
N ASN B 26 9.06 30.73 4.84
CA ASN B 26 8.00 31.39 4.08
C ASN B 26 6.70 31.47 4.82
N PRO B 27 6.70 32.12 5.99
CA PRO B 27 5.51 32.27 6.84
C PRO B 27 4.46 33.03 6.01
N ASP B 28 5.03 33.78 5.09
CA ASP B 28 4.39 34.59 4.09
C ASP B 28 3.45 33.79 3.13
N LEU B 29 3.86 32.55 2.81
CA LEU B 29 3.13 31.67 1.88
C LEU B 29 2.80 30.27 2.40
N ILE B 30 3.34 29.86 3.54
CA ILE B 30 3.08 28.53 4.04
C ILE B 30 2.89 28.54 5.53
N SER B 31 1.95 27.73 5.99
CA SER B 31 1.70 27.53 7.40
C SER B 31 1.66 25.99 7.44
N ARG B 32 2.06 25.39 8.56
CA ARG B 32 2.12 23.95 8.67
C ARG B 32 1.40 23.47 9.92
N THR B 33 0.64 22.37 9.78
CA THR B 33 -0.06 21.75 10.90
C THR B 33 0.13 20.24 10.80
N ALA B 34 -0.31 19.54 11.84
CA ALA B 34 -0.27 18.09 11.87
C ALA B 34 -1.76 17.79 11.94
N ILE B 35 -2.21 16.85 11.11
CA ILE B 35 -3.63 16.51 11.08
C ILE B 35 -3.98 15.23 11.84
N GLY B 36 -3.00 14.65 12.51
CA GLY B 36 -3.22 13.42 13.26
C GLY B 36 -1.88 12.75 13.46
N THR B 37 -1.89 11.54 14.00
CA THR B 37 -0.67 10.79 14.22
C THR B 37 -0.80 9.40 13.60
N THR B 38 0.33 8.88 13.13
CA THR B 38 0.35 7.59 12.49
C THR B 38 0.31 6.52 13.58
N PHE B 39 0.23 5.26 13.17
CA PHE B 39 0.17 4.17 14.13
C PHE B 39 1.37 4.15 15.10
N LEU B 40 2.54 4.53 14.61
CA LEU B 40 3.75 4.53 15.41
C LEU B 40 4.07 5.88 16.02
N GLY B 41 3.13 6.80 15.91
CA GLY B 41 3.29 8.11 16.51
C GLY B 41 4.00 9.21 15.77
N ASN B 42 4.05 9.10 14.46
CA ASN B 42 4.70 10.17 13.71
C ASN B 42 3.67 11.24 13.43
N ASN B 43 4.11 12.46 13.16
CA ASN B 43 3.12 13.49 12.92
C ASN B 43 2.84 13.63 11.43
N ILE B 44 1.56 13.57 11.07
CA ILE B 44 1.12 13.71 9.69
C ILE B 44 1.02 15.20 9.37
N TYR B 45 2.12 15.79 8.90
CA TYR B 45 2.16 17.19 8.57
C TYR B 45 1.41 17.56 7.29
N LEU B 46 0.88 18.77 7.29
CA LEU B 46 0.17 19.29 6.16
C LEU B 46 0.60 20.75 5.98
N LEU B 47 1.01 21.10 4.78
CA LEU B 47 1.41 22.46 4.48
C LEU B 47 0.30 23.18 3.73
N LYS B 48 -0.05 24.37 4.21
CA LYS B 48 -1.08 25.14 3.54
C LYS B 48 -0.30 26.17 2.75
N VAL B 49 -0.36 26.07 1.43
CA VAL B 49 0.38 26.94 0.54
C VAL B 49 -0.50 27.92 -0.29
N GLY B 50 -0.28 29.21 -0.06
CA GLY B 50 -1.01 30.24 -0.76
C GLY B 50 -0.91 31.53 0.02
N LYS B 51 -1.19 32.65 -0.64
CA LYS B 51 -1.17 33.96 -0.02
C LYS B 51 -2.44 34.02 0.82
N PRO B 52 -2.33 34.06 2.17
CA PRO B 52 -3.51 34.09 3.04
C PRO B 52 -4.55 35.15 2.73
N GLY B 53 -5.79 34.71 2.66
CA GLY B 53 -6.91 35.58 2.37
C GLY B 53 -8.18 34.89 2.80
N PRO B 54 -9.32 35.60 2.84
CA PRO B 54 -10.60 35.00 3.25
C PRO B 54 -11.38 34.37 2.11
N ASN B 55 -12.22 33.42 2.47
CA ASN B 55 -13.07 32.73 1.50
C ASN B 55 -12.31 32.03 0.41
N LYS B 56 -11.05 31.65 0.63
CA LYS B 56 -10.34 31.01 -0.47
C LYS B 56 -10.68 29.56 -0.70
N PRO B 57 -11.00 29.18 -1.95
CA PRO B 57 -11.32 27.78 -2.24
C PRO B 57 -9.94 27.08 -2.15
N ALA B 58 -9.89 25.79 -2.43
CA ALA B 58 -8.63 25.09 -2.29
C ALA B 58 -8.50 23.83 -3.14
N ILE B 59 -7.28 23.34 -3.20
CA ILE B 59 -6.94 22.13 -3.91
C ILE B 59 -6.16 21.34 -2.88
N PHE B 60 -6.53 20.08 -2.66
CA PHE B 60 -5.83 19.23 -1.71
C PHE B 60 -5.02 18.19 -2.47
N MET B 61 -3.73 18.12 -2.19
CA MET B 61 -2.84 17.19 -2.86
C MET B 61 -1.98 16.42 -1.86
N ASP B 62 -1.98 15.10 -1.93
CA ASP B 62 -1.14 14.31 -1.02
C ASP B 62 -0.15 13.42 -1.80
N CYS B 63 0.92 13.05 -1.11
CA CYS B 63 1.94 12.18 -1.67
C CYS B 63 2.31 11.17 -0.59
N GLY B 64 2.88 10.04 -1.00
CA GLY B 64 3.31 9.05 -0.04
C GLY B 64 2.23 8.17 0.55
N PHE B 65 1.16 7.91 -0.18
CA PHE B 65 0.15 6.99 0.35
C PHE B 65 0.84 5.64 0.49
N HIS B 66 1.60 5.29 -0.53
CA HIS B 66 2.29 4.02 -0.57
C HIS B 66 3.80 4.20 -0.36
N ALA B 67 4.30 3.51 0.66
CA ALA B 67 5.68 3.55 1.09
C ALA B 67 6.80 3.52 0.04
N ARG B 68 6.75 2.55 -0.87
CA ARG B 68 7.79 2.38 -1.92
C ARG B 68 7.79 3.34 -3.13
N GLU B 69 6.76 4.16 -3.23
CA GLU B 69 6.63 5.09 -4.33
C GLU B 69 7.35 6.39 -4.02
N TRP B 70 8.65 6.29 -3.89
CA TRP B 70 9.51 7.42 -3.55
C TRP B 70 9.39 8.68 -4.39
N ILE B 71 9.20 8.54 -5.71
CA ILE B 71 9.06 9.71 -6.60
C ILE B 71 7.87 10.56 -6.16
N SER B 72 6.85 9.92 -5.60
CA SER B 72 5.66 10.60 -5.10
C SER B 72 5.99 11.60 -3.95
N HIS B 73 6.71 11.13 -2.92
CA HIS B 73 7.08 11.99 -1.81
C HIS B 73 7.94 13.10 -2.37
N ALA B 74 8.82 12.75 -3.29
CA ALA B 74 9.71 13.74 -3.89
C ALA B 74 8.97 14.89 -4.58
N PHE B 75 7.86 14.58 -5.24
CA PHE B 75 7.10 15.59 -5.96
C PHE B 75 6.45 16.67 -5.08
N CYS B 76 5.86 16.28 -3.96
CA CYS B 76 5.22 17.24 -3.06
C CYS B 76 6.20 18.27 -2.54
N GLN B 77 7.42 17.82 -2.24
CA GLN B 77 8.47 18.71 -1.75
C GLN B 77 8.87 19.67 -2.85
N TRP B 78 9.02 19.14 -4.06
CA TRP B 78 9.37 19.92 -5.24
C TRP B 78 8.30 21.00 -5.52
N PHE B 79 7.03 20.57 -5.52
CA PHE B 79 5.91 21.46 -5.77
C PHE B 79 5.98 22.69 -4.87
N VAL B 80 6.15 22.46 -3.57
CA VAL B 80 6.19 23.54 -2.60
C VAL B 80 7.29 24.57 -2.88
N ARG B 81 8.44 24.14 -3.39
CA ARG B 81 9.52 25.10 -3.65
C ARG B 81 9.20 25.88 -4.87
N GLU B 82 8.69 25.22 -5.89
CA GLU B 82 8.32 25.94 -7.10
C GLU B 82 7.30 26.99 -6.76
N ALA B 83 6.28 26.61 -6.00
CA ALA B 83 5.26 27.56 -5.63
C ALA B 83 5.84 28.77 -4.91
N VAL B 84 6.59 28.59 -3.83
CA VAL B 84 7.13 29.77 -3.15
C VAL B 84 8.19 30.55 -3.95
N LEU B 85 8.97 29.85 -4.78
CA LEU B 85 10.03 30.48 -5.57
C LEU B 85 9.53 31.31 -6.73
N THR B 86 8.46 30.89 -7.37
CA THR B 86 7.92 31.62 -8.52
C THR B 86 6.75 32.56 -8.21
N TYR B 87 6.35 32.62 -6.96
CA TYR B 87 5.27 33.52 -6.59
C TYR B 87 5.80 34.94 -6.69
N GLY B 88 5.08 35.79 -7.41
CA GLY B 88 5.52 37.15 -7.60
C GLY B 88 6.20 37.32 -8.94
N TYR B 89 6.61 36.20 -9.55
CA TYR B 89 7.31 36.20 -10.84
C TYR B 89 6.59 35.54 -11.98
N GLU B 90 6.11 34.32 -11.77
CA GLU B 90 5.40 33.63 -12.82
C GLU B 90 3.95 34.01 -12.61
N SER B 91 3.34 34.64 -13.61
CA SER B 91 1.95 35.11 -13.47
C SER B 91 0.89 34.10 -13.00
N HIS B 92 0.91 32.90 -13.57
CA HIS B 92 -0.08 31.89 -13.21
C HIS B 92 0.01 31.44 -11.79
N MET B 93 1.20 31.06 -11.36
CA MET B 93 1.42 30.60 -10.00
C MET B 93 1.08 31.73 -9.06
N THR B 94 1.35 32.95 -9.47
CA THR B 94 1.06 34.06 -8.58
C THR B 94 -0.45 34.15 -8.39
N GLU B 95 -1.19 33.90 -9.46
CA GLU B 95 -2.66 33.92 -9.43
C GLU B 95 -3.24 32.79 -8.60
N PHE B 96 -2.67 31.60 -8.76
CA PHE B 96 -3.08 30.42 -8.03
C PHE B 96 -3.02 30.72 -6.56
N LEU B 97 -1.84 31.15 -6.13
CA LEU B 97 -1.58 31.44 -4.73
C LEU B 97 -2.41 32.58 -4.19
N ASN B 98 -2.76 33.52 -5.04
CA ASN B 98 -3.57 34.64 -4.56
C ASN B 98 -5.03 34.22 -4.44
N LYS B 99 -5.46 33.40 -5.40
CA LYS B 99 -6.82 32.94 -5.51
C LYS B 99 -7.27 31.73 -4.74
N LEU B 100 -6.38 30.76 -4.57
CA LEU B 100 -6.75 29.57 -3.85
C LEU B 100 -5.61 29.13 -3.00
N ASP B 101 -5.88 28.13 -2.16
CA ASP B 101 -4.86 27.51 -1.31
C ASP B 101 -4.57 26.12 -1.80
N PHE B 102 -3.35 25.66 -1.55
CA PHE B 102 -2.98 24.28 -1.85
C PHE B 102 -2.73 23.64 -0.49
N TYR B 103 -3.40 22.53 -0.21
CA TYR B 103 -3.11 21.79 1.01
C TYR B 103 -2.23 20.68 0.44
N VAL B 104 -0.98 20.64 0.87
CA VAL B 104 -0.03 19.65 0.42
C VAL B 104 0.30 18.75 1.62
N LEU B 105 0.01 17.46 1.54
CA LEU B 105 0.30 16.51 2.62
C LEU B 105 1.47 15.75 2.02
N PRO B 106 2.69 16.16 2.37
CA PRO B 106 3.92 15.56 1.86
C PRO B 106 4.00 14.04 1.88
N VAL B 107 3.74 13.47 3.05
CA VAL B 107 3.78 12.01 3.23
C VAL B 107 2.60 11.59 4.10
N LEU B 108 1.72 10.77 3.56
CA LEU B 108 0.62 10.30 4.38
C LEU B 108 1.10 9.12 5.24
N ASN B 109 1.47 8.03 4.57
CA ASN B 109 1.92 6.80 5.21
C ASN B 109 3.39 6.88 5.64
N ILE B 110 3.63 7.62 6.73
CA ILE B 110 4.96 7.83 7.29
C ILE B 110 5.63 6.57 7.84
N ASP B 111 4.87 5.73 8.54
CA ASP B 111 5.45 4.52 9.10
C ASP B 111 5.96 3.57 8.02
N GLY B 112 5.21 3.46 6.92
CA GLY B 112 5.62 2.59 5.83
C GLY B 112 6.86 3.19 5.16
N TYR B 113 6.86 4.50 4.98
CA TYR B 113 8.00 5.16 4.38
C TYR B 113 9.28 4.86 5.17
N ILE B 114 9.21 4.91 6.49
CA ILE B 114 10.37 4.65 7.34
C ILE B 114 10.82 3.21 7.13
N TYR B 115 9.86 2.33 6.97
CA TYR B 115 10.14 0.93 6.77
C TYR B 115 10.89 0.68 5.46
N THR B 116 10.56 1.43 4.40
CA THR B 116 11.25 1.26 3.11
C THR B 116 12.71 1.69 3.18
N TRP B 117 13.00 2.57 4.13
CA TRP B 117 14.35 3.07 4.34
C TRP B 117 15.08 2.18 5.34
N THR B 118 14.35 1.54 6.26
CA THR B 118 15.00 0.71 7.26
C THR B 118 15.07 -0.78 6.97
N LYS B 119 13.99 -1.34 6.44
CA LYS B 119 13.97 -2.75 6.22
C LYS B 119 13.64 -3.25 4.83
N ASN B 120 12.51 -2.83 4.30
CA ASN B 120 12.02 -3.33 3.01
C ASN B 120 11.60 -2.22 2.04
N ARG B 121 12.49 -1.98 1.09
CA ARG B 121 12.34 -0.97 0.07
C ARG B 121 11.11 -1.20 -0.79
N MET B 122 10.60 -2.42 -0.80
CA MET B 122 9.40 -2.67 -1.58
C MET B 122 8.12 -2.72 -0.81
N TRP B 123 8.14 -2.22 0.42
CA TRP B 123 6.95 -2.20 1.25
C TRP B 123 5.98 -1.12 0.72
N ARG B 124 4.66 -1.35 0.81
CA ARG B 124 3.67 -0.35 0.35
C ARG B 124 2.63 0.00 1.42
N LYS B 125 2.30 -0.98 2.24
CA LYS B 125 1.28 -0.79 3.24
C LYS B 125 1.71 0.04 4.43
N THR B 126 0.78 0.19 5.36
CA THR B 126 1.03 0.91 6.60
C THR B 126 1.77 -0.11 7.50
N ARG B 127 1.96 0.21 8.77
CA ARG B 127 2.67 -0.71 9.63
C ARG B 127 1.87 -1.05 10.87
N SER B 128 0.55 -1.01 10.75
CA SER B 128 -0.29 -1.36 11.89
C SER B 128 -0.31 -2.87 12.07
N THR B 129 -0.69 -3.33 13.26
CA THR B 129 -0.77 -4.76 13.55
C THR B 129 -2.19 -5.20 13.24
N ASN B 130 -2.38 -6.50 13.06
CA ASN B 130 -3.68 -7.06 12.75
C ASN B 130 -3.93 -8.21 13.71
N ALA B 131 -5.14 -8.27 14.28
CA ALA B 131 -5.48 -9.33 15.21
C ALA B 131 -5.36 -10.73 14.62
N GLY B 132 -4.80 -11.63 15.43
CA GLY B 132 -4.61 -13.01 15.04
C GLY B 132 -3.62 -13.35 13.94
N THR B 133 -2.73 -12.43 13.58
CA THR B 133 -1.75 -12.72 12.54
C THR B 133 -0.50 -11.92 12.78
N THR B 134 0.63 -12.35 12.20
CA THR B 134 1.89 -11.61 12.33
C THR B 134 2.00 -10.62 11.20
N CYS B 135 1.12 -10.76 10.21
CA CYS B 135 1.08 -9.89 9.05
C CYS B 135 0.73 -8.49 9.47
N ILE B 136 1.55 -7.56 9.03
CA ILE B 136 1.42 -6.14 9.36
C ILE B 136 0.90 -5.31 8.20
N GLY B 137 0.14 -4.27 8.53
CA GLY B 137 -0.30 -3.34 7.50
C GLY B 137 -1.56 -3.51 6.70
N THR B 138 -2.11 -2.35 6.32
CA THR B 138 -3.31 -2.19 5.49
C THR B 138 -2.89 -1.30 4.30
N ASP B 139 -3.50 -1.54 3.16
CA ASP B 139 -3.22 -0.72 1.99
C ASP B 139 -4.07 0.55 2.23
N PRO B 140 -3.41 1.70 2.44
CA PRO B 140 -4.21 2.93 2.68
C PRO B 140 -5.15 3.34 1.51
N ASN B 141 -4.83 2.90 0.29
CA ASN B 141 -5.68 3.24 -0.83
C ASN B 141 -6.74 2.19 -1.10
N ARG B 142 -7.08 1.43 -0.06
CA ARG B 142 -8.13 0.43 -0.11
C ARG B 142 -8.88 0.51 1.22
N ASN B 143 -8.56 1.54 2.00
CA ASN B 143 -9.12 1.74 3.32
C ASN B 143 -10.15 2.90 3.38
N PHE B 144 -10.46 3.52 2.25
CA PHE B 144 -11.43 4.60 2.25
C PHE B 144 -12.87 4.15 2.01
N ASP B 145 -13.81 4.98 2.40
CA ASP B 145 -15.24 4.69 2.24
C ASP B 145 -15.77 4.90 0.82
N ALA B 146 -15.24 4.13 -0.12
CA ALA B 146 -15.64 4.19 -1.52
C ALA B 146 -15.85 2.73 -1.90
N GLY B 147 -17.10 2.27 -1.79
CA GLY B 147 -17.44 0.89 -2.08
C GLY B 147 -16.54 -0.01 -1.26
N TRP B 148 -16.22 0.43 -0.04
CA TRP B 148 -15.28 -0.26 0.81
C TRP B 148 -15.18 -1.77 0.76
N CYS B 149 -13.99 -2.22 0.40
CA CYS B 149 -13.62 -3.63 0.32
C CYS B 149 -14.54 -4.54 -0.49
N THR B 150 -15.24 -3.96 -1.43
CA THR B 150 -16.17 -4.75 -2.22
C THR B 150 -15.58 -5.38 -3.45
N THR B 151 -14.46 -4.88 -3.94
CA THR B 151 -13.91 -5.48 -5.14
C THR B 151 -12.49 -5.02 -5.28
N GLY B 152 -11.65 -5.85 -5.90
CA GLY B 152 -10.25 -5.47 -6.07
C GLY B 152 -9.57 -4.96 -4.80
N ALA B 153 -9.74 -5.72 -3.72
CA ALA B 153 -9.18 -5.42 -2.41
C ALA B 153 -9.27 -6.76 -1.71
N SER B 154 -8.36 -7.02 -0.77
CA SER B 154 -8.36 -8.30 -0.05
C SER B 154 -8.69 -8.19 1.43
N THR B 155 -9.32 -9.25 1.96
CA THR B 155 -9.69 -9.37 3.36
C THR B 155 -8.63 -10.13 4.18
N ASP B 156 -7.54 -10.53 3.54
CA ASP B 156 -6.45 -11.21 4.22
C ASP B 156 -5.43 -10.14 4.62
N PRO B 157 -5.11 -10.03 5.92
CA PRO B 157 -4.13 -9.03 6.35
C PRO B 157 -2.74 -9.22 5.78
N CYS B 158 -2.44 -10.39 5.22
CA CYS B 158 -1.12 -10.62 4.64
C CYS B 158 -1.05 -10.16 3.19
N ASP B 159 -2.13 -9.64 2.66
CA ASP B 159 -2.08 -9.22 1.27
C ASP B 159 -1.69 -7.77 1.18
N GLU B 160 -1.03 -7.44 0.08
CA GLU B 160 -0.57 -6.11 -0.18
C GLU B 160 -1.75 -5.19 -0.49
N THR B 161 -2.94 -5.79 -0.66
CA THR B 161 -4.16 -5.03 -0.95
C THR B 161 -5.22 -5.21 0.12
N TYR B 162 -4.78 -5.61 1.32
CA TYR B 162 -5.68 -5.78 2.45
C TYR B 162 -6.42 -4.46 2.72
N CYS B 163 -7.73 -4.50 2.63
CA CYS B 163 -8.55 -3.34 2.81
C CYS B 163 -8.73 -2.93 4.28
N GLY B 164 -8.18 -3.70 5.20
CA GLY B 164 -8.35 -3.35 6.60
C GLY B 164 -9.61 -3.98 7.18
N SER B 165 -9.79 -3.75 8.47
CA SER B 165 -10.92 -4.33 9.17
C SER B 165 -12.17 -3.49 9.02
N ALA B 166 -12.01 -2.24 8.62
CA ALA B 166 -13.15 -1.34 8.48
C ALA B 166 -12.68 -0.14 7.67
N ALA B 167 -13.60 0.58 7.02
CA ALA B 167 -13.20 1.74 6.24
C ALA B 167 -12.64 2.77 7.22
N GLU B 168 -11.46 3.32 6.91
CA GLU B 168 -10.82 4.32 7.76
C GLU B 168 -10.46 3.77 9.11
N SER B 169 -10.06 2.51 9.12
CA SER B 169 -9.65 1.84 10.35
C SER B 169 -8.24 2.34 10.65
N GLU B 170 -7.52 2.76 9.60
CA GLU B 170 -6.18 3.27 9.78
C GLU B 170 -6.22 4.68 10.33
N LYS B 171 -5.29 4.98 11.24
CA LYS B 171 -5.16 6.32 11.82
C LYS B 171 -4.86 7.36 10.76
N GLU B 172 -4.07 6.98 9.76
CA GLU B 172 -3.69 7.87 8.67
C GLU B 172 -4.84 8.20 7.72
N THR B 173 -5.64 7.18 7.39
CA THR B 173 -6.78 7.33 6.47
C THR B 173 -7.93 8.13 7.10
N LYS B 174 -8.18 7.88 8.38
CA LYS B 174 -9.17 8.59 9.16
C LYS B 174 -8.76 10.05 9.30
N ALA B 175 -7.47 10.28 9.59
CA ALA B 175 -6.90 11.62 9.70
C ALA B 175 -7.16 12.41 8.42
N LEU B 176 -6.82 11.82 7.27
CA LEU B 176 -7.06 12.51 6.00
C LEU B 176 -8.57 12.74 5.71
N ALA B 177 -9.38 11.68 5.81
CA ALA B 177 -10.83 11.82 5.56
C ALA B 177 -11.42 12.91 6.47
N ASP B 178 -10.98 12.92 7.72
CA ASP B 178 -11.44 13.90 8.67
C ASP B 178 -11.22 15.31 8.19
N PHE B 179 -9.99 15.59 7.78
CA PHE B 179 -9.66 16.91 7.32
C PHE B 179 -10.46 17.35 6.11
N ILE B 180 -10.46 16.55 5.07
CA ILE B 180 -11.20 16.91 3.87
C ILE B 180 -12.64 17.22 4.26
N ARG B 181 -13.26 16.34 5.04
CA ARG B 181 -14.63 16.54 5.48
C ARG B 181 -14.80 17.88 6.15
N ASN B 182 -13.88 18.22 7.03
CA ASN B 182 -13.91 19.49 7.77
C ASN B 182 -13.76 20.69 6.86
N ASN B 183 -13.17 20.47 5.70
CA ASN B 183 -12.90 21.54 4.76
C ASN B 183 -13.55 21.32 3.44
N LEU B 184 -14.68 20.63 3.44
CA LEU B 184 -15.40 20.34 2.21
C LEU B 184 -15.86 21.60 1.47
N SER B 185 -16.21 22.62 2.24
CA SER B 185 -16.66 23.88 1.65
C SER B 185 -15.63 24.58 0.77
N SER B 186 -14.35 24.44 1.09
CA SER B 186 -13.29 25.09 0.30
C SER B 186 -12.62 24.24 -0.77
N ILE B 187 -12.45 22.94 -0.53
CA ILE B 187 -11.79 22.06 -1.48
C ILE B 187 -12.54 21.78 -2.77
N LYS B 188 -11.92 22.17 -3.88
CA LYS B 188 -12.52 22.01 -5.20
C LYS B 188 -11.89 20.87 -6.01
N ALA B 189 -10.67 20.47 -5.64
CA ALA B 189 -9.99 19.42 -6.34
C ALA B 189 -9.23 18.56 -5.35
N TYR B 190 -9.09 17.29 -5.68
CA TYR B 190 -8.34 16.31 -4.89
C TYR B 190 -7.36 15.60 -5.83
N LEU B 191 -6.07 15.77 -5.53
CA LEU B 191 -4.96 15.19 -6.33
C LEU B 191 -4.09 14.30 -5.44
N THR B 192 -4.11 13.00 -5.70
CA THR B 192 -3.33 12.07 -4.92
C THR B 192 -2.22 11.48 -5.82
N ILE B 193 -0.95 11.75 -5.47
CA ILE B 193 0.19 11.35 -6.30
C ILE B 193 0.74 9.97 -5.98
N HIS B 194 0.96 9.15 -7.02
CA HIS B 194 1.46 7.76 -6.90
C HIS B 194 2.51 7.49 -7.99
N SER B 195 3.06 6.27 -7.96
CA SER B 195 3.97 5.81 -9.02
C SER B 195 3.88 4.29 -9.04
N TYR B 196 4.13 3.64 -10.18
CA TYR B 196 4.50 4.26 -11.45
C TYR B 196 3.45 3.78 -12.47
N SER B 197 3.60 4.17 -13.73
CA SER B 197 2.71 3.79 -14.83
C SER B 197 2.54 4.85 -15.89
N GLN B 198 2.74 6.11 -15.51
CA GLN B 198 2.56 7.23 -16.41
C GLN B 198 1.09 7.35 -16.87
N MET B 199 0.23 7.71 -15.92
CA MET B 199 -1.17 7.89 -16.22
C MET B 199 -1.87 8.74 -15.19
N ILE B 200 -2.98 9.33 -15.63
CA ILE B 200 -3.86 10.18 -14.81
C ILE B 200 -5.22 9.49 -14.81
N LEU B 201 -5.69 9.09 -13.64
CA LEU B 201 -6.98 8.44 -13.52
C LEU B 201 -7.94 9.30 -12.74
N TYR B 202 -9.23 9.02 -12.96
CA TYR B 202 -10.29 9.73 -12.29
C TYR B 202 -11.34 8.65 -11.98
N PRO B 203 -12.33 8.97 -11.13
CA PRO B 203 -13.39 8.01 -10.76
C PRO B 203 -14.07 7.38 -12.00
N TYR B 204 -14.56 6.15 -11.90
CA TYR B 204 -14.50 5.34 -10.67
C TYR B 204 -13.63 4.10 -10.81
N SER B 205 -13.14 3.58 -9.70
CA SER B 205 -12.34 2.35 -9.68
C SER B 205 -13.18 1.26 -8.99
N TYR B 206 -13.92 1.67 -7.97
CA TYR B 206 -14.74 0.74 -7.21
C TYR B 206 -15.99 0.18 -7.91
N ASP B 207 -16.32 0.76 -9.06
CA ASP B 207 -17.49 0.36 -9.81
C ASP B 207 -17.23 0.80 -11.24
N TYR B 208 -17.80 0.09 -12.21
CA TYR B 208 -17.63 0.48 -13.62
C TYR B 208 -18.48 1.70 -14.02
N LYS B 209 -19.42 2.09 -13.18
CA LYS B 209 -20.24 3.26 -13.46
C LYS B 209 -19.35 4.49 -13.70
N LEU B 210 -19.87 5.44 -14.48
CA LEU B 210 -19.13 6.65 -14.80
C LEU B 210 -19.63 7.83 -13.99
N PRO B 211 -18.74 8.76 -13.62
CA PRO B 211 -19.19 9.91 -12.84
C PRO B 211 -19.89 10.86 -13.79
N GLU B 212 -20.87 11.58 -13.28
CA GLU B 212 -21.64 12.55 -14.03
C GLU B 212 -20.78 13.42 -14.94
N ASN B 213 -19.58 13.76 -14.47
CA ASN B 213 -18.72 14.61 -15.28
C ASN B 213 -17.59 13.91 -16.04
N ASN B 214 -17.80 12.62 -16.28
CA ASN B 214 -16.87 11.78 -17.00
C ASN B 214 -16.22 12.46 -18.23
N ALA B 215 -17.04 12.96 -19.15
CA ALA B 215 -16.55 13.61 -20.36
C ALA B 215 -15.69 14.82 -20.05
N GLU B 216 -16.10 15.61 -19.06
CA GLU B 216 -15.35 16.80 -18.66
C GLU B 216 -13.97 16.40 -18.08
N LEU B 217 -13.95 15.40 -17.19
CA LEU B 217 -12.71 14.90 -16.57
C LEU B 217 -11.79 14.31 -17.64
N ASN B 218 -12.36 13.53 -18.53
CA ASN B 218 -11.60 12.91 -19.60
C ASN B 218 -10.95 13.93 -20.52
N ASN B 219 -11.67 15.00 -20.79
CA ASN B 219 -11.12 16.02 -21.64
C ASN B 219 -10.01 16.72 -20.92
N LEU B 220 -10.22 17.02 -19.63
CA LEU B 220 -9.20 17.70 -18.83
C LEU B 220 -7.97 16.80 -18.73
N ALA B 221 -8.18 15.51 -18.42
CA ALA B 221 -7.10 14.52 -18.33
C ALA B 221 -6.33 14.52 -19.64
N LYS B 222 -7.07 14.56 -20.75
CA LYS B 222 -6.48 14.55 -22.08
C LYS B 222 -5.53 15.73 -22.31
N ALA B 223 -5.97 16.94 -21.94
CA ALA B 223 -5.15 18.13 -22.16
C ALA B 223 -3.95 18.24 -21.23
N ALA B 224 -4.10 17.74 -20.00
CA ALA B 224 -3.02 17.73 -19.03
C ALA B 224 -1.87 16.84 -19.50
N VAL B 225 -2.17 15.65 -20.03
CA VAL B 225 -1.14 14.72 -20.53
C VAL B 225 -0.39 15.39 -21.71
N LYS B 226 -1.15 15.98 -22.60
CA LYS B 226 -0.60 16.70 -23.74
C LYS B 226 0.37 17.75 -23.19
N GLU B 227 -0.08 18.46 -22.17
CA GLU B 227 0.73 19.46 -21.50
C GLU B 227 2.02 18.88 -20.90
N LEU B 228 1.90 17.74 -20.21
CA LEU B 228 3.06 17.10 -19.59
C LEU B 228 4.14 16.70 -20.62
N ALA B 229 3.70 16.21 -21.78
CA ALA B 229 4.59 15.77 -22.84
C ALA B 229 5.40 16.87 -23.56
N THR B 230 4.99 18.13 -23.38
CA THR B 230 5.66 19.27 -24.00
C THR B 230 7.12 19.46 -23.61
N LEU B 231 7.48 18.99 -22.41
CA LEU B 231 8.82 19.12 -21.84
C LEU B 231 9.87 18.12 -22.32
N TYR B 232 9.57 16.85 -22.13
CA TYR B 232 10.52 15.82 -22.47
C TYR B 232 9.90 14.74 -23.31
N GLY B 233 8.64 14.94 -23.69
CA GLY B 233 7.91 13.98 -24.50
C GLY B 233 7.44 12.73 -23.75
N THR B 234 7.26 12.81 -22.43
CA THR B 234 6.81 11.65 -21.70
C THR B 234 5.37 11.34 -22.05
N LYS B 235 5.08 10.08 -22.33
CA LYS B 235 3.73 9.67 -22.69
C LYS B 235 3.01 9.06 -21.51
N TYR B 236 1.82 9.62 -21.26
CA TYR B 236 0.89 9.26 -20.19
C TYR B 236 -0.46 8.82 -20.79
N THR B 237 -1.14 7.88 -20.15
CA THR B 237 -2.48 7.46 -20.57
C THR B 237 -3.42 7.97 -19.49
N TYR B 238 -4.72 7.92 -19.70
CA TYR B 238 -5.65 8.46 -18.68
C TYR B 238 -7.06 7.85 -18.79
N GLY B 239 -7.92 8.09 -17.80
CA GLY B 239 -9.27 7.55 -17.89
C GLY B 239 -9.84 7.10 -16.57
N PRO B 240 -11.09 6.57 -16.55
CA PRO B 240 -11.71 6.10 -15.31
C PRO B 240 -10.87 4.95 -14.75
N GLY B 241 -10.63 4.92 -13.43
CA GLY B 241 -9.82 3.87 -12.83
C GLY B 241 -10.14 2.39 -13.14
N ALA B 242 -11.39 1.99 -12.93
CA ALA B 242 -11.82 0.61 -13.15
C ALA B 242 -11.58 0.09 -14.57
N THR B 243 -11.76 0.94 -15.57
CA THR B 243 -11.54 0.51 -16.93
C THR B 243 -10.11 0.74 -17.46
N THR B 244 -9.44 1.77 -16.95
CA THR B 244 -8.08 2.10 -17.37
C THR B 244 -7.07 1.16 -16.73
N ILE B 245 -7.40 0.70 -15.53
CA ILE B 245 -6.55 -0.26 -14.85
C ILE B 245 -7.45 -1.44 -14.44
N TYR B 246 -7.85 -1.47 -13.18
CA TYR B 246 -8.67 -2.55 -12.65
C TYR B 246 -9.63 -1.97 -11.63
N PRO B 247 -10.75 -2.66 -11.40
CA PRO B 247 -11.69 -2.13 -10.40
C PRO B 247 -11.08 -2.51 -9.04
N ALA B 248 -10.93 -1.52 -8.17
CA ALA B 248 -10.35 -1.74 -6.85
C ALA B 248 -11.15 -0.78 -5.98
N ALA B 249 -11.71 -1.32 -4.90
CA ALA B 249 -12.55 -0.52 -4.01
C ALA B 249 -11.77 0.18 -2.92
N GLY B 250 -12.37 1.27 -2.42
CA GLY B 250 -11.80 2.02 -1.31
C GLY B 250 -10.65 2.98 -1.47
N GLY B 251 -10.56 3.63 -2.62
CA GLY B 251 -9.49 4.57 -2.86
C GLY B 251 -10.01 5.93 -2.53
N SER B 252 -9.10 6.82 -2.11
CA SER B 252 -9.44 8.20 -1.73
C SER B 252 -9.95 9.10 -2.88
N ASP B 253 -9.58 8.79 -4.12
CA ASP B 253 -10.03 9.61 -5.23
C ASP B 253 -11.54 9.40 -5.43
N ASP B 254 -11.99 8.17 -5.24
CA ASP B 254 -13.41 7.85 -5.37
C ASP B 254 -14.16 8.41 -4.18
N TRP B 255 -13.55 8.34 -2.98
CA TRP B 255 -14.15 8.88 -1.77
C TRP B 255 -14.28 10.41 -1.84
N ALA B 256 -13.21 11.08 -2.26
CA ALA B 256 -13.20 12.52 -2.36
C ALA B 256 -14.29 12.97 -3.36
N TYR B 257 -14.42 12.22 -4.44
CA TYR B 257 -15.41 12.51 -5.47
C TYR B 257 -16.82 12.35 -4.92
N ASP B 258 -17.06 11.23 -4.25
CA ASP B 258 -18.36 10.99 -3.67
C ASP B 258 -18.67 12.00 -2.62
N GLN B 259 -17.62 12.66 -2.10
CA GLN B 259 -17.78 13.72 -1.10
C GLN B 259 -18.30 14.97 -1.77
N GLY B 260 -18.15 15.03 -3.09
CA GLY B 260 -18.63 16.16 -3.86
C GLY B 260 -17.53 16.92 -4.54
N ILE B 261 -16.30 16.43 -4.38
CA ILE B 261 -15.14 17.07 -5.01
C ILE B 261 -15.12 16.59 -6.46
N LYS B 262 -15.68 17.39 -7.36
CA LYS B 262 -15.81 17.03 -8.78
C LYS B 262 -14.51 16.75 -9.53
N TYR B 263 -13.46 17.48 -9.18
CA TYR B 263 -12.18 17.26 -9.83
C TYR B 263 -11.28 16.41 -8.94
N SER B 264 -11.24 15.12 -9.25
CA SER B 264 -10.49 14.19 -8.47
C SER B 264 -9.65 13.31 -9.38
N PHE B 265 -8.33 13.35 -9.19
CA PHE B 265 -7.40 12.58 -9.99
C PHE B 265 -6.31 11.87 -9.18
N THR B 266 -5.88 10.73 -9.72
CA THR B 266 -4.81 9.91 -9.18
C THR B 266 -3.71 9.92 -10.25
N PHE B 267 -2.57 10.51 -9.95
CA PHE B 267 -1.46 10.58 -10.89
C PHE B 267 -0.48 9.45 -10.62
N GLU B 268 0.00 8.83 -11.69
CA GLU B 268 0.97 7.75 -11.62
C GLU B 268 2.13 8.31 -12.40
N LEU B 269 3.19 8.69 -11.68
CA LEU B 269 4.36 9.25 -12.33
C LEU B 269 5.29 8.19 -12.98
N ARG B 270 6.47 8.64 -13.40
CA ARG B 270 7.47 7.80 -14.03
C ARG B 270 7.85 6.63 -13.12
N ASP B 271 8.20 5.49 -13.70
CA ASP B 271 8.20 5.30 -15.15
C ASP B 271 7.11 4.31 -15.62
N LYS B 272 7.44 3.48 -16.61
CA LYS B 272 6.50 2.51 -17.11
C LYS B 272 6.98 1.09 -16.82
N GLY B 273 7.97 0.94 -15.96
CA GLY B 273 8.41 -0.40 -15.64
C GLY B 273 9.91 -0.58 -15.62
N ARG B 274 10.64 0.14 -16.47
CA ARG B 274 12.10 0.03 -16.53
C ARG B 274 12.72 0.00 -15.13
N TYR B 275 12.47 1.04 -14.35
CA TYR B 275 12.97 1.12 -12.99
C TYR B 275 11.87 0.80 -12.00
N GLY B 276 10.64 1.03 -12.41
CA GLY B 276 9.53 0.75 -11.52
C GLY B 276 9.51 1.74 -10.38
N PHE B 277 9.37 1.24 -9.15
CA PHE B 277 9.34 2.06 -7.93
C PHE B 277 10.70 2.59 -7.56
N ILE B 278 11.72 1.93 -8.04
CA ILE B 278 13.09 2.30 -7.75
C ILE B 278 13.61 3.26 -8.83
N LEU B 279 12.82 4.29 -9.14
CA LEU B 279 13.22 5.30 -10.12
C LEU B 279 14.53 5.96 -9.67
N PRO B 280 15.51 6.06 -10.55
CA PRO B 280 16.74 6.68 -10.06
C PRO B 280 16.67 8.17 -9.69
N GLU B 281 17.53 8.60 -8.78
CA GLU B 281 17.52 10.00 -8.36
C GLU B 281 17.85 10.99 -9.46
N SER B 282 18.48 10.51 -10.51
CA SER B 282 18.80 11.39 -11.59
C SER B 282 17.52 11.78 -12.34
N GLN B 283 16.43 11.03 -12.13
CA GLN B 283 15.17 11.31 -12.82
C GLN B 283 14.19 12.15 -12.02
N ILE B 284 14.55 12.50 -10.79
CA ILE B 284 13.70 13.30 -9.93
C ILE B 284 13.35 14.63 -10.57
N GLN B 285 14.33 15.44 -10.95
CA GLN B 285 14.00 16.73 -11.55
C GLN B 285 13.17 16.74 -12.83
N ALA B 286 13.49 15.92 -13.82
CA ALA B 286 12.72 15.89 -15.06
C ALA B 286 11.28 15.41 -14.77
N THR B 287 11.13 14.35 -13.98
CA THR B 287 9.83 13.84 -13.58
C THR B 287 9.02 14.95 -12.90
N CYS B 288 9.65 15.66 -11.96
CA CYS B 288 8.97 16.73 -11.22
C CYS B 288 8.63 17.97 -12.05
N GLU B 289 9.49 18.35 -12.98
CA GLU B 289 9.18 19.50 -13.80
C GLU B 289 8.06 19.23 -14.75
N GLU B 290 8.02 18.03 -15.34
CA GLU B 290 6.94 17.70 -16.26
C GLU B 290 5.62 17.49 -15.52
N THR B 291 5.65 16.98 -14.30
CA THR B 291 4.41 16.80 -13.55
C THR B 291 3.85 18.18 -13.14
N MET B 292 4.75 19.12 -12.86
CA MET B 292 4.35 20.47 -12.51
C MET B 292 3.44 21.01 -13.60
N LEU B 293 3.79 20.74 -14.85
CA LEU B 293 3.00 21.21 -15.99
C LEU B 293 1.56 20.65 -15.97
N ALA B 294 1.41 19.35 -15.71
CA ALA B 294 0.07 18.78 -15.64
C ALA B 294 -0.71 19.33 -14.42
N ILE B 295 -0.08 19.36 -13.24
CA ILE B 295 -0.74 19.82 -12.02
C ILE B 295 -1.22 21.27 -12.14
N LYS B 296 -0.39 22.13 -12.71
CA LYS B 296 -0.73 23.53 -12.92
C LYS B 296 -1.83 23.72 -14.00
N TYR B 297 -1.88 22.82 -14.97
CA TYR B 297 -2.91 22.87 -16.01
C TYR B 297 -4.25 22.57 -15.34
N VAL B 298 -4.26 21.49 -14.55
CA VAL B 298 -5.46 21.07 -13.79
C VAL B 298 -5.89 22.18 -12.85
N THR B 299 -4.94 22.73 -12.09
CA THR B 299 -5.21 23.83 -11.16
C THR B 299 -5.86 25.02 -11.88
N ASN B 300 -5.24 25.47 -12.96
CA ASN B 300 -5.76 26.60 -13.71
C ASN B 300 -7.19 26.34 -14.24
N TYR B 301 -7.49 25.08 -14.57
CA TYR B 301 -8.81 24.71 -15.06
C TYR B 301 -9.86 24.85 -13.96
N VAL B 302 -9.58 24.29 -12.80
CA VAL B 302 -10.46 24.33 -11.64
C VAL B 302 -10.79 25.77 -11.32
N LEU B 303 -9.77 26.62 -11.36
CA LEU B 303 -9.94 28.05 -11.10
C LEU B 303 -11.04 28.63 -12.00
N GLY B 304 -10.99 28.26 -13.27
CA GLY B 304 -11.95 28.75 -14.23
C GLY B 304 -13.32 28.16 -14.01
N HIS B 305 -13.37 26.96 -13.45
CA HIS B 305 -14.65 26.30 -13.25
C HIS B 305 -15.05 26.04 -11.81
N LEU B 306 -15.22 27.10 -11.03
CA LEU B 306 -15.65 26.97 -9.64
C LEU B 306 -16.70 28.02 -9.22
N GLY C 3 -10.03 -41.62 -18.45
CA GLY C 3 -8.71 -40.99 -18.48
C GLY C 3 -8.69 -39.90 -19.53
N HIS C 4 -9.07 -38.69 -19.10
CA HIS C 4 -9.13 -37.55 -20.00
C HIS C 4 -7.79 -36.98 -20.38
N SER C 5 -7.62 -36.75 -21.68
CA SER C 5 -6.40 -36.18 -22.19
C SER C 5 -6.72 -35.16 -23.27
N TYR C 6 -6.10 -33.99 -23.17
CA TYR C 6 -6.31 -32.94 -24.14
C TYR C 6 -5.63 -33.31 -25.46
N GLU C 7 -4.75 -34.30 -25.44
CA GLU C 7 -4.06 -34.75 -26.65
C GLU C 7 -4.60 -36.09 -27.20
N LYS C 8 -5.82 -36.41 -26.83
CA LYS C 8 -6.50 -37.61 -27.30
C LYS C 8 -7.93 -37.19 -27.59
N TYR C 9 -8.69 -38.05 -28.25
CA TYR C 9 -10.10 -37.76 -28.50
C TYR C 9 -10.77 -38.49 -27.34
N ASN C 10 -11.56 -37.74 -26.56
CA ASN C 10 -12.27 -38.25 -25.38
C ASN C 10 -13.74 -38.60 -25.70
N ASN C 11 -14.24 -39.74 -25.21
CA ASN C 11 -15.65 -40.10 -25.45
C ASN C 11 -16.56 -39.20 -24.60
N TRP C 12 -17.87 -39.18 -24.86
CA TRP C 12 -18.73 -38.28 -24.10
C TRP C 12 -18.64 -38.45 -22.58
N GLU C 13 -18.63 -39.68 -22.12
CA GLU C 13 -18.57 -39.94 -20.69
C GLU C 13 -17.38 -39.19 -20.08
N THR C 14 -16.22 -39.31 -20.73
CA THR C 14 -14.99 -38.66 -20.28
C THR C 14 -15.07 -37.15 -20.36
N ILE C 15 -15.73 -36.67 -21.41
CA ILE C 15 -15.88 -35.24 -21.60
C ILE C 15 -16.80 -34.67 -20.55
N GLU C 16 -17.94 -35.31 -20.37
CA GLU C 16 -18.91 -34.85 -19.38
C GLU C 16 -18.25 -34.84 -18.02
N ALA C 17 -17.52 -35.90 -17.70
CA ALA C 17 -16.81 -36.01 -16.42
C ALA C 17 -15.78 -34.87 -16.30
N TRP C 18 -15.19 -34.50 -17.44
CA TRP C 18 -14.21 -33.44 -17.53
C TRP C 18 -14.90 -32.14 -17.15
N THR C 19 -16.01 -31.81 -17.81
CA THR C 19 -16.70 -30.56 -17.48
C THR C 19 -16.93 -30.44 -15.96
N LYS C 20 -17.30 -31.55 -15.32
CA LYS C 20 -17.55 -31.53 -13.89
C LYS C 20 -16.25 -31.23 -13.13
N GLN C 21 -15.21 -31.97 -13.46
CA GLN C 21 -13.92 -31.85 -12.81
C GLN C 21 -13.16 -30.54 -13.03
N VAL C 22 -12.93 -30.15 -14.29
CA VAL C 22 -12.20 -28.91 -14.53
C VAL C 22 -12.91 -27.72 -13.85
N THR C 23 -14.20 -27.86 -13.61
CA THR C 23 -14.96 -26.80 -12.97
C THR C 23 -14.63 -26.78 -11.50
N SER C 24 -14.70 -27.94 -10.84
CA SER C 24 -14.44 -28.01 -9.43
C SER C 24 -13.04 -27.60 -9.11
N GLU C 25 -12.14 -27.88 -10.05
CA GLU C 25 -10.74 -27.53 -9.87
C GLU C 25 -10.47 -26.06 -10.03
N ASN C 26 -11.33 -25.35 -10.76
CA ASN C 26 -11.14 -23.92 -10.99
C ASN C 26 -12.49 -23.26 -10.81
N PRO C 27 -13.05 -23.34 -9.59
CA PRO C 27 -14.35 -22.80 -9.21
C PRO C 27 -14.47 -21.30 -9.33
N ASP C 28 -13.34 -20.62 -9.38
CA ASP C 28 -13.33 -19.17 -9.47
C ASP C 28 -13.06 -18.67 -10.90
N LEU C 29 -12.99 -19.59 -11.84
CA LEU C 29 -12.73 -19.21 -13.20
C LEU C 29 -13.72 -19.89 -14.08
N ILE C 30 -14.18 -21.06 -13.65
CA ILE C 30 -15.14 -21.85 -14.43
C ILE C 30 -16.45 -22.18 -13.68
N SER C 31 -17.54 -22.06 -14.44
CA SER C 31 -18.88 -22.30 -13.98
C SER C 31 -19.52 -23.23 -15.04
N ARG C 32 -20.34 -24.16 -14.59
CA ARG C 32 -21.01 -25.10 -15.49
C ARG C 32 -22.50 -25.25 -15.24
N THR C 33 -23.25 -25.25 -16.33
CA THR C 33 -24.71 -25.38 -16.33
C THR C 33 -25.11 -26.21 -17.57
N ALA C 34 -26.33 -26.73 -17.59
CA ALA C 34 -26.83 -27.48 -18.73
C ALA C 34 -27.86 -26.56 -19.36
N ILE C 35 -27.71 -26.24 -20.65
CA ILE C 35 -28.64 -25.34 -21.30
C ILE C 35 -29.85 -26.11 -21.84
N GLY C 36 -29.88 -27.42 -21.59
CA GLY C 36 -30.99 -28.21 -22.07
C GLY C 36 -30.64 -29.68 -22.16
N THR C 37 -31.48 -30.42 -22.85
CA THR C 37 -31.25 -31.85 -23.02
C THR C 37 -31.26 -32.18 -24.51
N THR C 38 -30.57 -33.26 -24.86
CA THR C 38 -30.47 -33.69 -26.25
C THR C 38 -31.72 -34.48 -26.60
N PHE C 39 -31.81 -34.94 -27.84
CA PHE C 39 -32.96 -35.71 -28.24
C PHE C 39 -33.09 -36.94 -27.36
N LEU C 40 -31.97 -37.58 -27.05
CA LEU C 40 -32.00 -38.75 -26.19
C LEU C 40 -31.87 -38.33 -24.73
N GLY C 41 -32.14 -37.06 -24.44
CA GLY C 41 -32.06 -36.56 -23.07
C GLY C 41 -30.74 -36.25 -22.37
N ASN C 42 -29.60 -36.40 -23.03
CA ASN C 42 -28.31 -36.08 -22.38
C ASN C 42 -28.30 -34.59 -22.12
N ASN C 43 -27.54 -34.13 -21.13
CA ASN C 43 -27.49 -32.68 -20.82
C ASN C 43 -26.47 -31.90 -21.65
N ILE C 44 -26.92 -30.78 -22.23
CA ILE C 44 -26.05 -29.95 -23.04
C ILE C 44 -25.38 -28.93 -22.14
N TYR C 45 -24.26 -29.33 -21.55
CA TYR C 45 -23.50 -28.48 -20.67
C TYR C 45 -22.91 -27.27 -21.34
N LEU C 46 -22.74 -26.26 -20.51
CA LEU C 46 -22.18 -24.99 -20.90
C LEU C 46 -21.19 -24.59 -19.79
N LEU C 47 -20.00 -24.18 -20.17
CA LEU C 47 -19.03 -23.75 -19.19
C LEU C 47 -18.90 -22.28 -19.45
N LYS C 48 -18.96 -21.50 -18.38
CA LYS C 48 -18.82 -20.05 -18.47
C LYS C 48 -17.41 -19.76 -17.94
N VAL C 49 -16.48 -19.45 -18.84
CA VAL C 49 -15.10 -19.20 -18.46
C VAL C 49 -14.77 -17.71 -18.29
N GLY C 50 -14.39 -17.34 -17.07
CA GLY C 50 -14.05 -15.96 -16.79
C GLY C 50 -14.11 -15.67 -15.30
N LYS C 51 -13.35 -14.68 -14.87
CA LYS C 51 -13.33 -14.29 -13.47
C LYS C 51 -14.73 -13.73 -13.13
N PRO C 52 -15.48 -14.46 -12.29
CA PRO C 52 -16.84 -14.09 -11.85
C PRO C 52 -17.02 -12.62 -11.42
N GLY C 53 -17.62 -11.84 -12.31
CA GLY C 53 -17.86 -10.43 -12.05
C GLY C 53 -19.24 -10.04 -12.57
N PRO C 54 -20.18 -9.71 -11.67
CA PRO C 54 -21.55 -9.32 -12.03
C PRO C 54 -21.57 -8.43 -13.28
N ASN C 55 -22.37 -8.89 -14.24
CA ASN C 55 -22.53 -8.25 -15.54
C ASN C 55 -21.39 -8.71 -16.45
N LYS C 56 -20.82 -7.77 -17.19
CA LYS C 56 -19.73 -8.01 -18.15
C LYS C 56 -20.09 -8.76 -19.45
N PRO C 57 -19.57 -8.26 -20.58
CA PRO C 57 -19.85 -8.88 -21.87
C PRO C 57 -19.49 -10.35 -21.92
N ALA C 58 -19.78 -10.96 -23.05
CA ALA C 58 -19.53 -12.37 -23.22
C ALA C 58 -19.21 -12.65 -24.67
N ILE C 59 -18.75 -13.88 -24.87
CA ILE C 59 -18.41 -14.42 -26.16
C ILE C 59 -18.94 -15.84 -26.01
N PHE C 60 -19.48 -16.36 -27.10
CA PHE C 60 -20.03 -17.68 -27.07
C PHE C 60 -19.28 -18.44 -28.14
N MET C 61 -18.83 -19.64 -27.80
CA MET C 61 -18.14 -20.49 -28.74
C MET C 61 -18.72 -21.84 -28.47
N ASP C 62 -19.11 -22.54 -29.52
CA ASP C 62 -19.62 -23.87 -29.34
C ASP C 62 -18.83 -24.77 -30.26
N CYS C 63 -18.79 -26.05 -29.92
CA CYS C 63 -18.11 -27.07 -30.71
C CYS C 63 -19.02 -28.28 -30.80
N GLY C 64 -18.59 -29.27 -31.60
CA GLY C 64 -19.34 -30.49 -31.74
C GLY C 64 -20.72 -30.43 -32.39
N PHE C 65 -20.95 -29.44 -33.26
CA PHE C 65 -22.21 -29.30 -33.97
C PHE C 65 -22.45 -30.59 -34.75
N HIS C 66 -21.42 -31.01 -35.48
CA HIS C 66 -21.48 -32.22 -36.30
C HIS C 66 -20.63 -33.31 -35.66
N ALA C 67 -21.25 -34.45 -35.41
CA ALA C 67 -20.64 -35.58 -34.74
C ALA C 67 -19.22 -36.03 -35.12
N ARG C 68 -18.96 -36.24 -36.41
CA ARG C 68 -17.66 -36.70 -36.90
C ARG C 68 -16.51 -35.68 -36.94
N GLU C 69 -16.75 -34.43 -36.58
CA GLU C 69 -15.69 -33.42 -36.60
C GLU C 69 -15.01 -33.35 -35.23
N TRP C 70 -14.43 -34.48 -34.85
CA TRP C 70 -13.76 -34.67 -33.58
C TRP C 70 -12.78 -33.60 -33.15
N ILE C 71 -11.97 -33.08 -34.08
CA ILE C 71 -10.99 -32.03 -33.77
C ILE C 71 -11.70 -30.79 -33.22
N SER C 72 -12.95 -30.57 -33.63
CA SER C 72 -13.76 -29.45 -33.13
C SER C 72 -13.95 -29.62 -31.60
N HIS C 73 -14.54 -30.74 -31.18
CA HIS C 73 -14.78 -31.01 -29.76
C HIS C 73 -13.48 -30.85 -29.02
N ALA C 74 -12.42 -31.42 -29.56
CA ALA C 74 -11.08 -31.35 -28.96
C ALA C 74 -10.62 -29.90 -28.72
N PHE C 75 -10.95 -29.01 -29.65
CA PHE C 75 -10.60 -27.60 -29.51
C PHE C 75 -11.28 -26.90 -28.33
N CYS C 76 -12.55 -27.17 -28.08
CA CYS C 76 -13.24 -26.51 -26.99
C CYS C 76 -12.63 -26.89 -25.67
N GLN C 77 -12.10 -28.10 -25.59
CA GLN C 77 -11.46 -28.53 -24.35
C GLN C 77 -10.08 -27.87 -24.22
N TRP C 78 -9.36 -27.78 -25.35
CA TRP C 78 -8.03 -27.17 -25.35
C TRP C 78 -8.10 -25.73 -24.91
N PHE C 79 -9.10 -25.00 -25.41
CA PHE C 79 -9.31 -23.61 -25.04
C PHE C 79 -9.36 -23.49 -23.51
N VAL C 80 -10.29 -24.22 -22.88
CA VAL C 80 -10.43 -24.22 -21.42
C VAL C 80 -9.08 -24.54 -20.78
N ARG C 81 -8.41 -25.57 -21.29
CA ARG C 81 -7.09 -26.00 -20.83
C ARG C 81 -6.12 -24.82 -20.77
N GLU C 82 -6.03 -24.08 -21.88
CA GLU C 82 -5.15 -22.92 -21.96
C GLU C 82 -5.63 -21.80 -21.06
N ALA C 83 -6.94 -21.62 -20.98
CA ALA C 83 -7.51 -20.59 -20.13
C ALA C 83 -7.15 -20.84 -18.68
N VAL C 84 -7.02 -22.12 -18.28
CA VAL C 84 -6.65 -22.41 -16.89
C VAL C 84 -5.14 -22.36 -16.68
N LEU C 85 -4.38 -22.76 -17.71
CA LEU C 85 -2.91 -22.75 -17.65
C LEU C 85 -2.24 -21.36 -17.81
N THR C 86 -3.00 -20.36 -18.27
CA THR C 86 -2.44 -19.03 -18.52
C THR C 86 -3.10 -17.82 -17.83
N TYR C 87 -4.27 -18.01 -17.23
CA TYR C 87 -4.91 -16.92 -16.54
C TYR C 87 -4.06 -16.65 -15.29
N GLY C 88 -3.54 -15.44 -15.16
CA GLY C 88 -2.71 -15.12 -14.01
C GLY C 88 -1.23 -15.28 -14.34
N TYR C 89 -0.94 -15.78 -15.53
CA TYR C 89 0.43 -15.94 -15.95
C TYR C 89 0.64 -15.13 -17.21
N GLU C 90 -0.25 -15.34 -18.16
CA GLU C 90 -0.16 -14.66 -19.42
C GLU C 90 -1.22 -13.58 -19.46
N SER C 91 -0.78 -12.33 -19.57
CA SER C 91 -1.72 -11.20 -19.65
C SER C 91 -2.57 -11.45 -20.90
N HIS C 92 -3.41 -10.53 -21.30
CA HIS C 92 -4.24 -10.78 -22.47
C HIS C 92 -5.23 -11.85 -22.06
N MET C 93 -4.80 -13.10 -21.89
CA MET C 93 -5.71 -14.16 -21.46
C MET C 93 -6.23 -13.84 -20.06
N THR C 94 -5.38 -13.22 -19.25
CA THR C 94 -5.79 -12.85 -17.91
C THR C 94 -6.80 -11.69 -18.06
N GLU C 95 -6.51 -10.77 -18.99
CA GLU C 95 -7.38 -9.63 -19.25
C GLU C 95 -8.73 -10.04 -19.81
N PHE C 96 -8.70 -10.91 -20.81
CA PHE C 96 -9.92 -11.39 -21.45
C PHE C 96 -10.88 -11.93 -20.42
N LEU C 97 -10.39 -12.82 -19.56
CA LEU C 97 -11.25 -13.45 -18.55
C LEU C 97 -11.63 -12.51 -17.43
N ASN C 98 -10.80 -11.50 -17.19
CA ASN C 98 -11.11 -10.52 -16.16
C ASN C 98 -12.26 -9.64 -16.65
N LYS C 99 -12.12 -9.25 -17.93
CA LYS C 99 -13.00 -8.35 -18.64
C LYS C 99 -14.34 -8.89 -19.15
N LEU C 100 -14.33 -10.11 -19.70
CA LEU C 100 -15.54 -10.72 -20.21
C LEU C 100 -15.65 -12.20 -19.93
N ASP C 101 -16.90 -12.66 -19.93
CA ASP C 101 -17.19 -14.06 -19.74
C ASP C 101 -16.97 -14.74 -21.11
N PHE C 102 -16.63 -16.03 -21.08
CA PHE C 102 -16.38 -16.79 -22.30
C PHE C 102 -17.14 -18.08 -22.23
N TYR C 103 -18.32 -18.11 -22.85
CA TYR C 103 -19.13 -19.31 -22.85
C TYR C 103 -18.57 -20.35 -23.79
N VAL C 104 -18.39 -21.55 -23.26
CA VAL C 104 -17.84 -22.66 -24.03
C VAL C 104 -18.84 -23.83 -23.99
N LEU C 105 -19.37 -24.22 -25.16
CA LEU C 105 -20.31 -25.34 -25.25
C LEU C 105 -19.47 -26.42 -25.94
N PRO C 106 -18.81 -27.27 -25.13
CA PRO C 106 -17.93 -28.36 -25.54
C PRO C 106 -18.44 -29.20 -26.68
N VAL C 107 -19.67 -29.70 -26.54
CA VAL C 107 -20.33 -30.55 -27.54
C VAL C 107 -21.83 -30.27 -27.58
N LEU C 108 -22.34 -29.66 -28.65
CA LEU C 108 -23.78 -29.41 -28.77
C LEU C 108 -24.54 -30.70 -29.12
N ASN C 109 -24.07 -31.37 -30.18
CA ASN C 109 -24.65 -32.63 -30.71
C ASN C 109 -24.02 -33.88 -30.05
N ILE C 110 -24.38 -34.10 -28.78
CA ILE C 110 -23.87 -35.20 -27.96
C ILE C 110 -24.34 -36.55 -28.43
N ASP C 111 -25.60 -36.61 -28.83
CA ASP C 111 -26.15 -37.87 -29.30
C ASP C 111 -25.36 -38.35 -30.51
N GLY C 112 -25.10 -37.46 -31.44
CA GLY C 112 -24.34 -37.82 -32.63
C GLY C 112 -22.88 -38.17 -32.33
N TYR C 113 -22.24 -37.43 -31.44
CA TYR C 113 -20.85 -37.71 -31.05
C TYR C 113 -20.78 -39.13 -30.48
N ILE C 114 -21.71 -39.45 -29.58
CA ILE C 114 -21.79 -40.77 -28.98
C ILE C 114 -21.88 -41.88 -30.06
N TYR C 115 -22.70 -41.62 -31.09
CA TYR C 115 -22.88 -42.55 -32.19
C TYR C 115 -21.61 -42.70 -33.06
N THR C 116 -20.83 -41.64 -33.20
CA THR C 116 -19.60 -41.75 -33.99
C THR C 116 -18.59 -42.61 -33.26
N TRP C 117 -18.75 -42.68 -31.94
CA TRP C 117 -17.92 -43.46 -31.07
C TRP C 117 -18.45 -44.87 -30.96
N THR C 118 -19.77 -45.00 -30.94
CA THR C 118 -20.42 -46.30 -30.76
C THR C 118 -20.77 -47.15 -31.96
N LYS C 119 -21.02 -46.53 -33.10
CA LYS C 119 -21.40 -47.28 -34.28
C LYS C 119 -20.85 -46.72 -35.57
N ASN C 120 -21.07 -45.43 -35.76
CA ASN C 120 -20.70 -44.81 -37.02
C ASN C 120 -19.86 -43.52 -36.95
N ARG C 121 -18.54 -43.72 -37.05
CA ARG C 121 -17.51 -42.67 -37.00
C ARG C 121 -17.77 -41.49 -37.94
N MET C 122 -18.51 -41.73 -39.02
CA MET C 122 -18.81 -40.69 -40.00
C MET C 122 -20.20 -40.03 -39.83
N TRP C 123 -20.89 -40.37 -38.75
CA TRP C 123 -22.19 -39.79 -38.53
C TRP C 123 -22.01 -38.25 -38.40
N ARG C 124 -22.94 -37.48 -38.96
CA ARG C 124 -22.86 -36.02 -38.92
C ARG C 124 -23.94 -35.32 -38.12
N LYS C 125 -25.17 -35.67 -38.43
CA LYS C 125 -26.36 -35.08 -37.84
C LYS C 125 -26.72 -35.48 -36.41
N THR C 126 -27.90 -35.02 -36.00
CA THR C 126 -28.47 -35.35 -34.69
C THR C 126 -28.99 -36.80 -34.77
N ARG C 127 -29.49 -37.33 -33.67
CA ARG C 127 -29.96 -38.70 -33.70
C ARG C 127 -31.48 -38.82 -33.47
N SER C 128 -32.19 -37.79 -33.93
CA SER C 128 -33.62 -37.72 -33.79
C SER C 128 -34.36 -38.51 -34.89
N THR C 129 -35.43 -39.20 -34.49
CA THR C 129 -36.25 -39.97 -35.42
C THR C 129 -36.97 -38.98 -36.34
N ASN C 130 -37.17 -39.38 -37.60
CA ASN C 130 -37.81 -38.51 -38.59
C ASN C 130 -39.26 -38.73 -39.01
N ALA C 131 -39.73 -37.78 -39.84
CA ALA C 131 -41.09 -37.72 -40.37
C ALA C 131 -41.45 -38.75 -41.44
N GLY C 132 -42.27 -39.74 -41.05
CA GLY C 132 -42.71 -40.78 -41.97
C GLY C 132 -41.59 -41.46 -42.74
N THR C 133 -40.53 -41.84 -42.03
CA THR C 133 -39.38 -42.49 -42.63
C THR C 133 -38.50 -43.09 -41.54
N THR C 134 -37.72 -44.10 -41.93
CA THR C 134 -36.79 -44.80 -41.05
C THR C 134 -35.48 -44.01 -40.90
N CYS C 135 -35.32 -42.98 -41.74
CA CYS C 135 -34.15 -42.11 -41.76
C CYS C 135 -34.03 -41.21 -40.50
N ILE C 136 -32.84 -41.27 -39.88
CA ILE C 136 -32.54 -40.53 -38.64
C ILE C 136 -31.72 -39.24 -38.77
N GLY C 137 -32.00 -38.33 -37.83
CA GLY C 137 -31.29 -37.09 -37.73
C GLY C 137 -31.58 -35.92 -38.64
N THR C 138 -31.23 -34.74 -38.13
CA THR C 138 -31.36 -33.47 -38.83
C THR C 138 -29.97 -32.79 -38.76
N ASP C 139 -29.59 -32.08 -39.82
CA ASP C 139 -28.32 -31.38 -39.81
C ASP C 139 -28.53 -30.11 -38.96
N PRO C 140 -27.91 -30.05 -37.76
CA PRO C 140 -28.08 -28.87 -36.91
C PRO C 140 -27.66 -27.53 -37.49
N ASN C 141 -26.69 -27.51 -38.41
CA ASN C 141 -26.27 -26.26 -39.00
C ASN C 141 -27.04 -25.93 -40.29
N ARG C 142 -28.24 -26.53 -40.41
CA ARG C 142 -29.17 -26.28 -41.52
C ARG C 142 -30.54 -26.04 -40.82
N ASN C 143 -30.53 -26.23 -39.50
CA ASN C 143 -31.71 -26.13 -38.67
C ASN C 143 -32.02 -24.76 -38.09
N PHE C 144 -31.12 -23.80 -38.22
CA PHE C 144 -31.43 -22.51 -37.64
C PHE C 144 -32.30 -21.63 -38.54
N ASP C 145 -33.01 -20.70 -37.91
CA ASP C 145 -33.91 -19.78 -38.57
C ASP C 145 -33.15 -18.70 -39.38
N ALA C 146 -32.41 -19.09 -40.41
CA ALA C 146 -31.68 -18.13 -41.25
C ALA C 146 -31.75 -18.53 -42.73
N GLY C 147 -32.76 -17.98 -43.43
CA GLY C 147 -32.98 -18.31 -44.82
C GLY C 147 -33.27 -19.80 -44.83
N TRP C 148 -33.85 -20.27 -43.73
CA TRP C 148 -34.13 -21.68 -43.51
C TRP C 148 -34.50 -22.56 -44.70
N CYS C 149 -33.60 -23.49 -45.00
CA CYS C 149 -33.79 -24.46 -46.08
C CYS C 149 -33.99 -23.83 -47.45
N THR C 150 -33.77 -22.52 -47.58
CA THR C 150 -33.94 -21.88 -48.86
C THR C 150 -32.85 -22.31 -49.83
N THR C 151 -31.72 -22.77 -49.29
CA THR C 151 -30.57 -23.19 -50.11
C THR C 151 -29.55 -24.08 -49.39
N GLY C 152 -28.80 -24.86 -50.17
CA GLY C 152 -27.77 -25.72 -49.60
C GLY C 152 -28.15 -26.74 -48.54
N ALA C 153 -29.43 -27.12 -48.51
CA ALA C 153 -29.93 -28.09 -47.54
C ALA C 153 -30.80 -29.13 -48.25
N SER C 154 -31.44 -30.01 -47.49
CA SER C 154 -32.29 -31.03 -48.07
C SER C 154 -33.56 -31.26 -47.30
N THR C 155 -34.64 -31.36 -48.04
CA THR C 155 -35.95 -31.61 -47.46
C THR C 155 -36.07 -33.11 -47.24
N ASP C 156 -35.04 -33.87 -47.62
CA ASP C 156 -35.03 -35.32 -47.48
C ASP C 156 -34.38 -35.74 -46.17
N PRO C 157 -35.17 -36.36 -45.26
CA PRO C 157 -34.69 -36.82 -43.96
C PRO C 157 -33.48 -37.73 -44.08
N CYS C 158 -33.40 -38.44 -45.20
CA CYS C 158 -32.34 -39.40 -45.48
C CYS C 158 -31.05 -38.77 -45.88
N ASP C 159 -31.05 -37.45 -46.03
CA ASP C 159 -29.85 -36.74 -46.43
C ASP C 159 -29.11 -36.14 -45.26
N GLU C 160 -27.79 -36.02 -45.40
CA GLU C 160 -26.91 -35.48 -44.37
C GLU C 160 -27.07 -33.99 -44.14
N THR C 161 -27.74 -33.31 -45.07
CA THR C 161 -27.95 -31.88 -44.94
C THR C 161 -29.42 -31.55 -44.73
N TYR C 162 -30.16 -32.52 -44.21
CA TYR C 162 -31.57 -32.34 -43.95
C TYR C 162 -31.77 -31.17 -42.99
N CYS C 163 -32.51 -30.16 -43.45
CA CYS C 163 -32.80 -28.94 -42.71
C CYS C 163 -33.81 -29.15 -41.60
N GLY C 164 -34.43 -30.33 -41.57
CA GLY C 164 -35.43 -30.64 -40.56
C GLY C 164 -36.86 -30.19 -40.89
N SER C 165 -37.76 -30.35 -39.93
CA SER C 165 -39.17 -29.98 -40.09
C SER C 165 -39.49 -28.48 -40.13
N ALA C 166 -38.70 -27.69 -39.42
CA ALA C 166 -38.84 -26.23 -39.34
C ALA C 166 -37.58 -25.73 -38.65
N ALA C 167 -37.32 -24.43 -38.66
CA ALA C 167 -36.13 -23.96 -37.98
C ALA C 167 -36.28 -24.29 -36.49
N GLU C 168 -35.17 -24.65 -35.84
CA GLU C 168 -35.15 -25.02 -34.42
C GLU C 168 -36.01 -26.25 -34.09
N SER C 169 -36.16 -27.12 -35.08
CA SER C 169 -36.92 -28.34 -34.92
C SER C 169 -36.31 -29.13 -33.76
N GLU C 170 -35.00 -29.36 -33.88
CA GLU C 170 -34.23 -30.14 -32.91
C GLU C 170 -34.12 -29.54 -31.50
N LYS C 171 -34.07 -30.41 -30.48
CA LYS C 171 -33.95 -29.91 -29.13
C LYS C 171 -32.69 -29.08 -28.95
N GLU C 172 -31.57 -29.61 -29.43
CA GLU C 172 -30.27 -28.96 -29.33
C GLU C 172 -30.22 -27.59 -29.96
N THR C 173 -30.67 -27.47 -31.20
CA THR C 173 -30.65 -26.19 -31.88
C THR C 173 -31.58 -25.15 -31.21
N LYS C 174 -32.67 -25.64 -30.60
CA LYS C 174 -33.63 -24.79 -29.89
C LYS C 174 -32.97 -24.21 -28.61
N ALA C 175 -32.27 -25.08 -27.87
CA ALA C 175 -31.57 -24.71 -26.63
C ALA C 175 -30.49 -23.66 -26.85
N LEU C 176 -29.66 -23.85 -27.87
CA LEU C 176 -28.62 -22.88 -28.17
C LEU C 176 -29.26 -21.56 -28.57
N ALA C 177 -30.23 -21.62 -29.48
CA ALA C 177 -30.94 -20.44 -29.95
C ALA C 177 -31.61 -19.75 -28.77
N ASP C 178 -32.27 -20.52 -27.92
CA ASP C 178 -32.94 -19.99 -26.75
C ASP C 178 -31.94 -19.30 -25.83
N PHE C 179 -30.98 -20.06 -25.31
CA PHE C 179 -29.95 -19.54 -24.42
C PHE C 179 -29.32 -18.25 -24.95
N ILE C 180 -28.94 -18.26 -26.22
CA ILE C 180 -28.33 -17.08 -26.80
C ILE C 180 -29.33 -15.94 -26.86
N ARG C 181 -30.57 -16.24 -27.27
CA ARG C 181 -31.62 -15.22 -27.34
C ARG C 181 -31.85 -14.63 -25.96
N ASN C 182 -31.65 -15.46 -24.95
CA ASN C 182 -31.80 -15.03 -23.57
C ASN C 182 -30.61 -14.12 -23.16
N ASN C 183 -29.38 -14.55 -23.41
CA ASN C 183 -28.24 -13.74 -23.02
C ASN C 183 -27.70 -12.92 -24.18
N LEU C 184 -28.62 -12.54 -25.07
CA LEU C 184 -28.30 -11.78 -26.29
C LEU C 184 -27.65 -10.40 -26.10
N SER C 185 -28.04 -9.67 -25.07
CA SER C 185 -27.44 -8.35 -24.84
C SER C 185 -26.00 -8.43 -24.28
N SER C 186 -25.67 -9.56 -23.64
CA SER C 186 -24.33 -9.81 -23.07
C SER C 186 -23.34 -10.27 -24.14
N ILE C 187 -23.74 -11.30 -24.88
CA ILE C 187 -22.89 -11.88 -25.92
C ILE C 187 -22.53 -10.89 -27.03
N LYS C 188 -21.25 -10.57 -27.13
CA LYS C 188 -20.74 -9.63 -28.12
C LYS C 188 -20.08 -10.34 -29.32
N ALA C 189 -19.97 -11.66 -29.25
CA ALA C 189 -19.35 -12.44 -30.31
C ALA C 189 -19.84 -13.87 -30.24
N TYR C 190 -19.95 -14.46 -31.42
CA TYR C 190 -20.39 -15.82 -31.60
C TYR C 190 -19.36 -16.48 -32.49
N LEU C 191 -18.84 -17.62 -32.05
CA LEU C 191 -17.86 -18.38 -32.81
C LEU C 191 -18.33 -19.82 -32.72
N THR C 192 -18.27 -20.54 -33.83
CA THR C 192 -18.69 -21.93 -33.85
C THR C 192 -17.59 -22.74 -34.55
N ILE C 193 -17.10 -23.76 -33.87
CA ILE C 193 -16.01 -24.58 -34.40
C ILE C 193 -16.46 -25.82 -35.15
N HIS C 194 -15.90 -25.98 -36.34
CA HIS C 194 -16.19 -27.11 -37.26
C HIS C 194 -14.92 -27.76 -37.84
N SER C 195 -15.11 -28.68 -38.79
CA SER C 195 -14.00 -29.41 -39.39
C SER C 195 -14.56 -30.05 -40.67
N TYR C 196 -13.79 -30.13 -41.75
CA TYR C 196 -12.41 -29.66 -41.84
C TYR C 196 -12.41 -28.76 -43.07
N SER C 197 -11.24 -28.23 -43.43
CA SER C 197 -11.05 -27.37 -44.61
C SER C 197 -10.08 -26.23 -44.41
N GLN C 198 -9.78 -25.88 -43.15
CA GLN C 198 -8.87 -24.79 -42.89
C GLN C 198 -9.39 -23.48 -43.50
N MET C 199 -10.41 -22.91 -42.88
CA MET C 199 -11.01 -21.67 -43.34
C MET C 199 -11.66 -20.94 -42.15
N ILE C 200 -11.83 -19.63 -42.30
CA ILE C 200 -12.55 -18.83 -41.30
C ILE C 200 -13.57 -18.13 -42.20
N LEU C 201 -14.83 -18.13 -41.81
CA LEU C 201 -15.88 -17.52 -42.61
C LEU C 201 -16.85 -16.72 -41.76
N TYR C 202 -17.59 -15.83 -42.41
CA TYR C 202 -18.55 -14.98 -41.71
C TYR C 202 -19.79 -14.86 -42.61
N PRO C 203 -20.90 -14.31 -42.08
CA PRO C 203 -22.12 -14.17 -42.88
C PRO C 203 -21.91 -13.49 -44.26
N TYR C 204 -22.77 -13.79 -45.25
CA TYR C 204 -23.89 -14.73 -45.16
C TYR C 204 -23.58 -15.96 -45.98
N SER C 205 -24.22 -17.06 -45.61
CA SER C 205 -24.09 -18.34 -46.31
C SER C 205 -25.41 -18.61 -47.05
N TYR C 206 -26.54 -18.25 -46.43
CA TYR C 206 -27.85 -18.50 -47.02
C TYR C 206 -28.20 -17.62 -48.19
N ASP C 207 -27.53 -16.47 -48.28
CA ASP C 207 -27.76 -15.56 -49.38
C ASP C 207 -26.46 -14.89 -49.76
N TYR C 208 -26.41 -14.30 -50.95
CA TYR C 208 -25.19 -13.62 -51.38
C TYR C 208 -24.98 -12.22 -50.82
N LYS C 209 -25.81 -11.84 -49.84
CA LYS C 209 -25.70 -10.52 -49.22
C LYS C 209 -24.55 -10.50 -48.22
N LEU C 210 -23.77 -9.44 -48.31
CA LEU C 210 -22.62 -9.24 -47.44
C LEU C 210 -23.17 -8.52 -46.21
N PRO C 211 -22.67 -8.89 -45.01
CA PRO C 211 -23.17 -8.23 -43.80
C PRO C 211 -22.78 -6.75 -43.80
N GLU C 212 -23.53 -5.94 -43.06
CA GLU C 212 -23.25 -4.51 -42.96
C GLU C 212 -21.74 -4.26 -42.85
N ASN C 213 -21.14 -4.90 -41.85
CA ASN C 213 -19.72 -4.78 -41.51
C ASN C 213 -18.85 -5.86 -42.13
N ASN C 214 -19.13 -6.19 -43.38
CA ASN C 214 -18.36 -7.22 -44.08
C ASN C 214 -16.86 -6.98 -44.23
N ALA C 215 -16.44 -5.72 -44.43
CA ALA C 215 -15.01 -5.44 -44.60
C ALA C 215 -14.25 -5.49 -43.26
N GLU C 216 -14.95 -5.13 -42.19
CA GLU C 216 -14.36 -5.19 -40.84
C GLU C 216 -14.12 -6.67 -40.56
N LEU C 217 -15.16 -7.47 -40.77
CA LEU C 217 -15.11 -8.92 -40.61
C LEU C 217 -14.06 -9.51 -41.54
N ASN C 218 -14.07 -9.06 -42.79
CA ASN C 218 -13.15 -9.55 -43.80
C ASN C 218 -11.72 -9.38 -43.33
N ASN C 219 -11.38 -8.15 -42.96
CA ASN C 219 -10.04 -7.82 -42.48
C ASN C 219 -9.64 -8.64 -41.26
N LEU C 220 -10.59 -8.83 -40.34
CA LEU C 220 -10.36 -9.61 -39.12
C LEU C 220 -10.04 -11.06 -39.51
N ALA C 221 -10.85 -11.62 -40.41
CA ALA C 221 -10.63 -12.99 -40.85
C ALA C 221 -9.29 -13.07 -41.56
N LYS C 222 -8.90 -11.98 -42.22
CA LYS C 222 -7.62 -11.93 -42.92
C LYS C 222 -6.45 -11.98 -41.93
N ALA C 223 -6.59 -11.19 -40.86
CA ALA C 223 -5.58 -11.09 -39.84
C ALA C 223 -5.50 -12.33 -38.95
N ALA C 224 -6.66 -12.90 -38.62
CA ALA C 224 -6.67 -14.08 -37.77
C ALA C 224 -6.01 -15.26 -38.50
N VAL C 225 -6.19 -15.36 -39.82
CA VAL C 225 -5.56 -16.46 -40.55
C VAL C 225 -4.05 -16.19 -40.65
N LYS C 226 -3.68 -14.91 -40.53
CA LYS C 226 -2.27 -14.48 -40.56
C LYS C 226 -1.67 -14.99 -39.27
N GLU C 227 -2.42 -14.87 -38.18
CA GLU C 227 -2.00 -15.29 -36.85
C GLU C 227 -1.80 -16.78 -36.75
N LEU C 228 -2.83 -17.50 -37.13
CA LEU C 228 -2.84 -18.93 -37.15
C LEU C 228 -1.54 -19.47 -37.87
N ALA C 229 -1.27 -18.98 -39.07
CA ALA C 229 -0.12 -19.44 -39.87
C ALA C 229 1.28 -19.27 -39.27
N THR C 230 1.43 -18.31 -38.36
CA THR C 230 2.72 -18.03 -37.73
C THR C 230 3.37 -19.22 -37.03
N LEU C 231 2.54 -20.12 -36.52
CA LEU C 231 3.03 -21.28 -35.78
C LEU C 231 3.61 -22.40 -36.63
N TYR C 232 2.76 -22.99 -37.46
CA TYR C 232 3.19 -24.10 -38.30
C TYR C 232 3.11 -23.75 -39.78
N GLY C 233 2.60 -22.56 -40.07
CA GLY C 233 2.45 -22.17 -41.46
C GLY C 233 1.22 -22.78 -42.15
N THR C 234 0.29 -23.29 -41.34
CA THR C 234 -0.93 -23.89 -41.87
C THR C 234 -1.61 -22.78 -42.63
N LYS C 235 -1.97 -23.09 -43.87
CA LYS C 235 -2.62 -22.14 -44.74
C LYS C 235 -4.13 -22.21 -44.67
N TYR C 236 -4.72 -21.08 -44.30
CA TYR C 236 -6.16 -20.96 -44.21
C TYR C 236 -6.70 -19.96 -45.26
N THR C 237 -8.00 -20.08 -45.57
CA THR C 237 -8.67 -19.15 -46.48
C THR C 237 -9.80 -18.55 -45.65
N TYR C 238 -10.44 -17.51 -46.17
CA TYR C 238 -11.52 -16.88 -45.42
C TYR C 238 -12.45 -16.07 -46.34
N GLY C 239 -13.56 -15.59 -45.79
CA GLY C 239 -14.51 -14.83 -46.57
C GLY C 239 -15.94 -15.12 -46.15
N PRO C 240 -16.95 -14.65 -46.93
CA PRO C 240 -18.37 -14.86 -46.64
C PRO C 240 -18.71 -16.30 -47.00
N GLY C 241 -19.53 -16.96 -46.20
CA GLY C 241 -19.86 -18.34 -46.49
C GLY C 241 -20.37 -18.65 -47.89
N ALA C 242 -21.43 -17.98 -48.32
CA ALA C 242 -22.04 -18.20 -49.62
C ALA C 242 -21.02 -18.24 -50.76
N THR C 243 -20.22 -17.21 -50.82
CA THR C 243 -19.23 -17.09 -51.84
C THR C 243 -17.96 -17.93 -51.60
N THR C 244 -17.55 -18.09 -50.34
CA THR C 244 -16.31 -18.81 -49.99
C THR C 244 -16.33 -20.35 -49.90
N ILE C 245 -17.28 -20.88 -49.14
CA ILE C 245 -17.38 -22.32 -48.94
C ILE C 245 -18.48 -22.88 -49.81
N TYR C 246 -19.69 -22.41 -49.56
CA TYR C 246 -20.89 -22.83 -50.27
C TYR C 246 -22.14 -22.19 -49.66
N PRO C 247 -23.13 -21.83 -50.49
CA PRO C 247 -24.31 -21.25 -49.85
C PRO C 247 -25.09 -22.37 -49.20
N ALA C 248 -25.51 -22.13 -47.98
CA ALA C 248 -26.25 -23.11 -47.22
C ALA C 248 -27.10 -22.36 -46.21
N ALA C 249 -28.38 -22.71 -46.17
CA ALA C 249 -29.36 -22.08 -45.30
C ALA C 249 -29.32 -22.68 -43.92
N GLY C 250 -30.07 -22.07 -43.01
CA GLY C 250 -30.17 -22.56 -41.65
C GLY C 250 -28.94 -22.58 -40.76
N GLY C 251 -27.93 -21.78 -41.11
CA GLY C 251 -26.73 -21.72 -40.29
C GLY C 251 -26.89 -20.97 -38.98
N SER C 252 -26.21 -21.46 -37.93
CA SER C 252 -26.24 -20.82 -36.60
C SER C 252 -25.52 -19.48 -36.64
N ASP C 253 -24.43 -19.44 -37.43
CA ASP C 253 -23.64 -18.23 -37.58
C ASP C 253 -24.45 -17.08 -38.19
N ASP C 254 -25.05 -17.28 -39.36
CA ASP C 254 -25.86 -16.23 -39.97
C ASP C 254 -27.00 -15.89 -39.01
N TRP C 255 -27.52 -16.90 -38.33
CA TRP C 255 -28.60 -16.68 -37.37
C TRP C 255 -28.21 -15.68 -36.27
N ALA C 256 -27.02 -15.86 -35.68
CA ALA C 256 -26.55 -15.01 -34.60
C ALA C 256 -26.27 -13.58 -35.06
N TYR C 257 -25.75 -13.41 -36.26
CA TYR C 257 -25.51 -12.07 -36.80
C TYR C 257 -26.86 -11.30 -36.91
N ASP C 258 -27.84 -11.96 -37.51
CA ASP C 258 -29.18 -11.41 -37.69
C ASP C 258 -29.86 -11.34 -36.31
N GLN C 259 -29.15 -11.83 -35.31
CA GLN C 259 -29.65 -11.79 -33.95
C GLN C 259 -28.98 -10.56 -33.33
N GLY C 260 -28.23 -9.84 -34.17
CA GLY C 260 -27.53 -8.65 -33.72
C GLY C 260 -26.23 -8.93 -32.99
N ILE C 261 -25.47 -9.93 -33.46
CA ILE C 261 -24.17 -10.26 -32.89
C ILE C 261 -23.30 -10.06 -34.10
N LYS C 262 -22.76 -8.85 -34.23
CA LYS C 262 -21.96 -8.44 -35.37
C LYS C 262 -20.68 -9.20 -35.63
N TYR C 263 -20.19 -9.95 -34.62
CA TYR C 263 -18.98 -10.75 -34.78
C TYR C 263 -19.45 -12.19 -34.71
N SER C 264 -19.52 -12.83 -35.88
CA SER C 264 -19.96 -14.22 -36.03
C SER C 264 -19.04 -14.93 -37.03
N PHE C 265 -18.34 -15.97 -36.59
CA PHE C 265 -17.42 -16.70 -37.46
C PHE C 265 -17.60 -18.19 -37.34
N THR C 266 -17.27 -18.90 -38.42
CA THR C 266 -17.29 -20.36 -38.43
C THR C 266 -15.84 -20.72 -38.65
N PHE C 267 -15.34 -21.68 -37.90
CA PHE C 267 -13.97 -22.09 -38.09
C PHE C 267 -13.96 -23.51 -38.63
N GLU C 268 -13.24 -23.72 -39.72
CA GLU C 268 -13.09 -25.05 -40.31
C GLU C 268 -11.62 -25.43 -40.09
N LEU C 269 -11.37 -26.28 -39.10
CA LEU C 269 -10.02 -26.70 -38.77
C LEU C 269 -9.42 -27.73 -39.73
N ARG C 270 -8.19 -28.16 -39.46
CA ARG C 270 -7.52 -29.13 -40.30
C ARG C 270 -8.37 -30.39 -40.49
N ASP C 271 -8.14 -31.08 -41.60
CA ASP C 271 -7.17 -30.63 -42.57
C ASP C 271 -7.83 -30.07 -43.84
N LYS C 272 -7.19 -30.28 -44.98
CA LYS C 272 -7.78 -29.80 -46.21
C LYS C 272 -8.25 -30.99 -47.00
N GLY C 273 -8.10 -32.19 -46.42
CA GLY C 273 -8.57 -33.38 -47.10
C GLY C 273 -7.83 -34.68 -47.01
N ARG C 274 -6.55 -34.65 -46.61
CA ARG C 274 -5.73 -35.86 -46.49
C ARG C 274 -6.43 -36.93 -45.62
N TYR C 275 -6.74 -36.52 -44.40
CA TYR C 275 -7.41 -37.36 -43.42
C TYR C 275 -8.84 -36.91 -43.23
N GLY C 276 -9.12 -35.67 -43.63
CA GLY C 276 -10.45 -35.13 -43.49
C GLY C 276 -10.92 -35.17 -42.05
N PHE C 277 -12.01 -35.88 -41.82
CA PHE C 277 -12.59 -35.99 -40.49
C PHE C 277 -11.84 -36.88 -39.52
N ILE C 278 -11.12 -37.85 -40.07
CA ILE C 278 -10.37 -38.75 -39.23
C ILE C 278 -8.96 -38.18 -38.98
N LEU C 279 -8.93 -36.95 -38.47
CA LEU C 279 -7.67 -36.27 -38.17
C LEU C 279 -6.96 -37.05 -37.09
N PRO C 280 -5.77 -37.59 -37.40
CA PRO C 280 -5.09 -38.35 -36.35
C PRO C 280 -4.88 -37.60 -35.04
N GLU C 281 -4.99 -38.33 -33.94
CA GLU C 281 -4.80 -37.74 -32.62
C GLU C 281 -3.46 -37.01 -32.55
N SER C 282 -2.48 -37.53 -33.29
CA SER C 282 -1.16 -36.92 -33.33
C SER C 282 -1.17 -35.49 -33.83
N GLN C 283 -2.29 -35.05 -34.41
CA GLN C 283 -2.39 -33.69 -34.92
C GLN C 283 -3.16 -32.76 -34.02
N ILE C 284 -3.69 -33.30 -32.93
CA ILE C 284 -4.50 -32.53 -31.99
C ILE C 284 -3.87 -31.27 -31.39
N GLN C 285 -2.79 -31.44 -30.65
CA GLN C 285 -2.14 -30.32 -30.02
C GLN C 285 -1.74 -29.21 -30.99
N ALA C 286 -1.05 -29.57 -32.07
CA ALA C 286 -0.61 -28.63 -33.09
C ALA C 286 -1.81 -27.84 -33.61
N THR C 287 -2.85 -28.60 -33.99
CA THR C 287 -4.08 -28.03 -34.54
C THR C 287 -4.71 -27.07 -33.55
N CYS C 288 -4.75 -27.47 -32.29
CA CYS C 288 -5.35 -26.65 -31.25
C CYS C 288 -4.52 -25.40 -30.93
N GLU C 289 -3.20 -25.54 -30.95
CA GLU C 289 -2.31 -24.41 -30.64
C GLU C 289 -2.40 -23.24 -31.64
N GLU C 290 -2.30 -23.54 -32.93
CA GLU C 290 -2.40 -22.48 -33.96
C GLU C 290 -3.78 -21.83 -33.92
N THR C 291 -4.81 -22.67 -33.79
CA THR C 291 -6.19 -22.23 -33.72
C THR C 291 -6.38 -21.29 -32.53
N MET C 292 -5.80 -21.63 -31.37
CA MET C 292 -5.86 -20.78 -30.17
C MET C 292 -5.40 -19.37 -30.54
N LEU C 293 -4.40 -19.29 -31.42
CA LEU C 293 -3.84 -18.01 -31.86
C LEU C 293 -4.90 -17.15 -32.54
N ALA C 294 -5.60 -17.75 -33.52
CA ALA C 294 -6.67 -17.08 -34.26
C ALA C 294 -7.83 -16.66 -33.36
N ILE C 295 -8.22 -17.55 -32.45
CA ILE C 295 -9.32 -17.30 -31.53
C ILE C 295 -9.03 -16.13 -30.60
N LYS C 296 -7.87 -16.18 -29.94
CA LYS C 296 -7.46 -15.13 -29.03
C LYS C 296 -7.37 -13.78 -29.76
N TYR C 297 -6.88 -13.78 -31.00
CA TYR C 297 -6.78 -12.56 -31.79
C TYR C 297 -8.18 -11.96 -31.85
N VAL C 298 -9.09 -12.73 -32.42
CA VAL C 298 -10.49 -12.36 -32.56
C VAL C 298 -11.06 -11.92 -31.22
N THR C 299 -10.72 -12.64 -30.15
CA THR C 299 -11.20 -12.30 -28.81
C THR C 299 -10.68 -10.92 -28.40
N ASN C 300 -9.38 -10.74 -28.57
CA ASN C 300 -8.69 -9.51 -28.24
C ASN C 300 -9.36 -8.35 -28.98
N TYR C 301 -9.53 -8.53 -30.29
CA TYR C 301 -10.16 -7.54 -31.18
C TYR C 301 -11.50 -7.02 -30.62
N VAL C 302 -12.44 -7.93 -30.40
CA VAL C 302 -13.74 -7.57 -29.85
C VAL C 302 -13.55 -6.62 -28.68
N LEU C 303 -12.77 -7.02 -27.67
CA LEU C 303 -12.45 -6.23 -26.45
C LEU C 303 -12.58 -4.71 -26.58
N GLY C 304 -11.97 -4.16 -27.61
CA GLY C 304 -12.04 -2.72 -27.81
C GLY C 304 -13.18 -2.29 -28.72
N HIS C 305 -14.28 -3.01 -28.63
CA HIS C 305 -15.46 -2.73 -29.43
C HIS C 305 -16.58 -3.24 -28.52
N LEU C 306 -16.33 -3.10 -27.21
CA LEU C 306 -17.21 -3.52 -26.13
C LEU C 306 -16.89 -4.97 -25.74
#